data_8TLD
#
_entry.id   8TLD
#
_cell.length_a   1.00
_cell.length_b   1.00
_cell.length_c   1.00
_cell.angle_alpha   90.00
_cell.angle_beta   90.00
_cell.angle_gamma   90.00
#
_symmetry.space_group_name_H-M   'P 1'
#
loop_
_entity.id
_entity.type
_entity.pdbx_description
1 polymer 'Cytokine receptor common subunit beta'
2 polymer Interleukin-5
3 polymer 'Interleukin-5 receptor subunit alpha'
4 non-polymer 2-acetamido-2-deoxy-beta-D-glucopyranose
#
loop_
_entity_poly.entity_id
_entity_poly.type
_entity_poly.pdbx_seq_one_letter_code
_entity_poly.pdbx_strand_id
1 'polypeptide(L)'
;DYKDDDDKMVSKGEELFTGVVPILVELDGDVNGHKFSVSGEGEGDATYGKLTLKFICTTGKLPVPWPTLVTTLTYGVQCF
SRYPDHMKQHDFFKSAMPEGYVQERTIFFKDDGNYKTRAEVKFEGDTLVNRIELKGIDFKEDGNILGHKLEYNYNSHNVY
IMADKQKNGIKVNFKIRHNIEDGSVQLADHYQQNTPIGDGPVLLPDNHYLSTQSALSKDPNEKRDHMVLLEFVTAAGITL
GMDELYKLEVLFQGPGSGAEETIPLQTLRCYNDYTSHITCRWADTQDAQRLVNVTLIRRVNEDLLEPVSCDLSDDMPWSA
CPHPRCVPRRCVIPCQSFVVTDVDYFSFQPDRPLGTRLTVTLTQHVQPPEPRDLQISTDQDHFLLTWSVALGSPQSHWLS
PGDLEFEVVYKRLQDSWEDAAILLSNTSQATLGPEHLMPSSTYVARVRTRLAPGSRLSGRPSKWSPEVCWDSQPGDEAQP
QNLECFFDGAAVLSCSWEVRKEVASSVSFGLFYKPSPDAGEEECSPVLREGLGSLHTRHHCQIPVPDPATHGQYIVSVQP
RRAEKHIKSSVNIQMAPPSLNVTKDGDSYSLRWETMKMRYEHIDHTFEIQYRKDTATWKDSKTETLQNAHSMALPALEPS
TRYWARVRVRTSRTGYNGIWSEWSEARSWDTESVLPMGGGGSTTAPSAQLEKELQALEKENAQLEWELQALEKELAQ
;
B,E
2 'polypeptide(L)'
;DYKDDDDKIPTEIPTSALVKETLALLSTHRTLLIANETLRIPVPVHKNHQLCTEEIFQGIGTLESQTVQGGTVERLFKNL
SLIKKYIDGQKKKCGEERRRVNQFLDYLQEFLGVMNTEWIIESGAAEDQVDPRLIDGKHHHHHHHH
;
C,D
3 'polypeptide(L)'
;DYKDDDDKDLLPDEKISLLPPVNFTIKVTGLAQVLLQWKPNPDQEQRNVNLEYQVKINAPKEDDYETRITESKCVTILHK
GFSASVRTILQNDHSLLASSWASAELHAPPGSPGTSIVNLTCTTNTTEDNYSRLRSYQVSLHCTWLVGTDAPEDTQYFLY
YRYGSWTEECQEYSKDTLGRNIACWFPRTFILSKGRDWLAVLVNGSSKHSAIRPFDQLFALHAIDQINPPLNVTAEIEGT
RLSIQWEKPVSAFPIHCFDYEVKIHNTRNGYLQIEKLMTNAFISIIDDLSKYDVQVRAAVSSMCREAGLWSEWSQPIYVG
NDEHKPLREGGGGSTTAPSAQLKKKLQALKKKNAQLKWKLQALKKKLAQGAAEDQVDPRLIDGKHHHHHHHH
;
F
#
# COMPACT_ATOMS: atom_id res chain seq x y z
N GLY A 258 -5.84 -28.20 -38.62
CA GLY A 258 -4.87 -27.67 -37.69
C GLY A 258 -3.52 -28.36 -37.77
N ALA A 259 -2.57 -27.88 -36.97
CA ALA A 259 -1.23 -28.44 -36.94
C ALA A 259 -1.08 -29.38 -35.75
N GLU A 260 -0.68 -30.63 -36.03
CA GLU A 260 -0.53 -31.63 -34.99
C GLU A 260 0.64 -31.24 -34.09
N GLU A 261 0.34 -30.97 -32.82
CA GLU A 261 1.35 -30.49 -31.91
C GLU A 261 2.44 -31.54 -31.69
N THR A 262 3.67 -31.08 -31.55
CA THR A 262 4.78 -31.99 -31.27
C THR A 262 4.59 -32.64 -29.90
N ILE A 263 5.01 -33.90 -29.79
CA ILE A 263 4.88 -34.62 -28.52
C ILE A 263 5.61 -33.91 -27.38
N PRO A 264 6.82 -33.35 -27.57
CA PRO A 264 7.43 -32.58 -26.47
C PRO A 264 6.55 -31.44 -25.97
N LEU A 265 5.83 -30.76 -26.86
CA LEU A 265 4.95 -29.69 -26.41
C LEU A 265 3.76 -30.23 -25.64
N GLN A 266 3.18 -31.33 -26.09
CA GLN A 266 2.04 -31.91 -25.39
C GLN A 266 2.43 -32.38 -24.00
N THR A 267 3.57 -33.06 -23.88
CA THR A 267 3.98 -33.63 -22.61
C THR A 267 4.59 -32.61 -21.67
N LEU A 268 4.83 -31.38 -22.11
CA LEU A 268 5.51 -30.39 -21.29
C LEU A 268 4.56 -29.84 -20.24
N ARG A 269 5.04 -29.77 -19.00
CA ARG A 269 4.34 -29.08 -17.93
C ARG A 269 5.37 -28.34 -17.09
N CYS A 270 5.29 -27.01 -17.08
CA CYS A 270 6.22 -26.19 -16.32
C CYS A 270 5.48 -25.58 -15.13
N TYR A 271 5.97 -25.87 -13.93
CA TYR A 271 5.42 -25.31 -12.70
C TYR A 271 6.50 -24.52 -11.97
N ASN A 272 6.10 -23.90 -10.87
CA ASN A 272 6.91 -22.91 -10.19
C ASN A 272 6.73 -23.03 -8.68
N ASP A 273 7.77 -22.66 -7.94
CA ASP A 273 7.67 -22.50 -6.50
C ASP A 273 7.57 -21.04 -6.09
N TYR A 274 7.59 -20.12 -7.05
CA TYR A 274 7.45 -18.69 -6.88
C TYR A 274 8.55 -18.07 -6.03
N THR A 275 9.59 -18.82 -5.70
CA THR A 275 10.70 -18.28 -4.92
C THR A 275 12.01 -18.30 -5.67
N SER A 276 12.47 -19.46 -6.14
CA SER A 276 13.81 -19.52 -6.72
C SER A 276 13.94 -20.33 -8.01
N HIS A 277 12.97 -21.14 -8.41
CA HIS A 277 13.21 -22.05 -9.52
C HIS A 277 11.92 -22.38 -10.25
N ILE A 278 12.08 -22.84 -11.50
CA ILE A 278 11.00 -23.37 -12.32
C ILE A 278 11.32 -24.81 -12.63
N THR A 279 10.35 -25.71 -12.42
CA THR A 279 10.51 -27.12 -12.71
C THR A 279 9.66 -27.48 -13.92
N CYS A 280 10.29 -28.08 -14.92
CA CYS A 280 9.62 -28.45 -16.16
C CYS A 280 9.83 -29.93 -16.44
N ARG A 281 8.76 -30.61 -16.84
CA ARG A 281 8.82 -32.03 -17.17
C ARG A 281 8.11 -32.25 -18.50
N TRP A 282 8.73 -33.05 -19.37
CA TRP A 282 8.14 -33.37 -20.66
C TRP A 282 8.65 -34.73 -21.11
N ALA A 283 8.34 -35.09 -22.36
CA ALA A 283 8.74 -36.39 -22.89
C ALA A 283 8.77 -36.30 -24.41
N ASP A 284 9.41 -37.30 -25.02
CA ASP A 284 9.47 -37.44 -26.47
C ASP A 284 9.29 -38.91 -26.79
N THR A 285 9.60 -39.29 -28.03
CA THR A 285 9.45 -40.66 -28.48
C THR A 285 10.82 -41.26 -28.77
N GLN A 286 10.97 -42.55 -28.44
CA GLN A 286 12.21 -43.23 -28.74
C GLN A 286 12.48 -43.29 -30.23
N ASP A 287 11.42 -43.38 -31.04
CA ASP A 287 11.59 -43.31 -32.48
C ASP A 287 12.01 -41.92 -32.94
N ALA A 288 11.66 -40.87 -32.20
CA ALA A 288 12.04 -39.52 -32.56
C ALA A 288 13.51 -39.22 -32.24
N GLN A 289 14.07 -39.92 -31.25
CA GLN A 289 15.43 -39.61 -30.83
C GLN A 289 16.47 -40.05 -31.86
N ARG A 290 16.16 -41.09 -32.64
CA ARG A 290 17.12 -41.64 -33.58
C ARG A 290 17.30 -40.79 -34.83
N LEU A 291 16.47 -39.77 -35.03
CA LEU A 291 16.52 -38.95 -36.24
C LEU A 291 16.85 -37.50 -35.94
N VAL A 292 16.14 -36.87 -35.01
CA VAL A 292 16.31 -35.45 -34.73
C VAL A 292 16.29 -35.25 -33.22
N ASN A 293 17.41 -34.80 -32.66
CA ASN A 293 17.47 -34.45 -31.25
C ASN A 293 16.91 -33.05 -31.04
N VAL A 294 16.21 -32.87 -29.92
CA VAL A 294 15.54 -31.61 -29.63
C VAL A 294 16.08 -31.04 -28.32
N THR A 295 15.93 -29.73 -28.17
CA THR A 295 16.38 -29.03 -26.97
C THR A 295 15.36 -27.96 -26.60
N LEU A 296 15.01 -27.90 -25.33
CA LEU A 296 14.03 -26.95 -24.86
C LEU A 296 14.62 -25.54 -24.83
N ILE A 297 13.84 -24.57 -25.30
CA ILE A 297 14.26 -23.18 -25.37
C ILE A 297 13.20 -22.33 -24.69
N ARG A 298 13.62 -21.46 -23.78
CA ARG A 298 12.71 -20.60 -23.03
C ARG A 298 13.17 -19.16 -23.18
N ARG A 299 12.23 -18.27 -23.50
CA ARG A 299 12.53 -16.85 -23.62
C ARG A 299 11.33 -16.02 -23.15
N ASP A 303 13.45 -10.64 -23.72
CA ASP A 303 14.85 -11.00 -23.87
C ASP A 303 15.05 -11.88 -25.10
N LEU A 304 16.29 -12.28 -25.34
CA LEU A 304 16.63 -13.11 -26.49
C LEU A 304 16.35 -14.58 -26.18
N LEU A 305 16.80 -15.47 -27.05
CA LEU A 305 16.61 -16.89 -26.83
C LEU A 305 17.53 -17.39 -25.72
N GLU A 306 17.12 -18.47 -25.07
CA GLU A 306 17.86 -19.03 -23.94
C GLU A 306 17.59 -20.52 -23.86
N PRO A 307 18.50 -21.36 -24.36
CA PRO A 307 18.34 -22.80 -24.15
C PRO A 307 18.42 -23.16 -22.68
N VAL A 308 17.71 -24.23 -22.31
CA VAL A 308 17.63 -24.68 -20.92
C VAL A 308 18.12 -26.12 -20.86
N SER A 309 19.07 -26.38 -19.96
CA SER A 309 19.61 -27.71 -19.78
C SER A 309 18.61 -28.60 -19.04
N CYS A 310 18.67 -29.90 -19.33
CA CYS A 310 17.74 -30.87 -18.75
C CYS A 310 18.49 -32.15 -18.45
N ASP A 311 17.88 -32.99 -17.61
CA ASP A 311 18.42 -34.29 -17.23
C ASP A 311 17.34 -35.34 -17.38
N LEU A 312 17.75 -36.54 -17.80
CA LEU A 312 16.81 -37.64 -17.95
C LEU A 312 16.19 -38.00 -16.61
N SER A 313 14.87 -38.19 -16.59
CA SER A 313 14.14 -38.54 -15.39
C SER A 313 13.16 -39.67 -15.69
N ASP A 314 13.03 -40.59 -14.75
CA ASP A 314 12.06 -41.68 -14.84
C ASP A 314 10.89 -41.48 -13.91
N ASP A 315 10.70 -40.26 -13.41
CA ASP A 315 9.63 -39.96 -12.47
C ASP A 315 8.27 -39.79 -13.14
N MET A 316 8.17 -40.06 -14.45
CA MET A 316 6.97 -39.94 -15.26
C MET A 316 6.54 -38.48 -15.40
N PRO A 317 6.24 -38.03 -16.61
CA PRO A 317 5.81 -36.64 -16.78
C PRO A 317 4.45 -36.39 -16.13
N TRP A 318 4.20 -35.13 -15.80
CA TRP A 318 2.93 -34.76 -15.18
C TRP A 318 1.74 -35.08 -16.08
N SER A 319 1.97 -35.17 -17.38
CA SER A 319 0.95 -35.61 -18.34
C SER A 319 1.37 -36.93 -18.96
N ALA A 320 0.40 -37.80 -19.20
CA ALA A 320 0.66 -39.10 -19.79
C ALA A 320 1.15 -38.94 -21.23
N CYS A 321 1.97 -39.90 -21.65
CA CYS A 321 2.55 -39.89 -22.98
C CYS A 321 1.80 -40.83 -23.91
N PRO A 322 1.53 -40.42 -25.15
CA PRO A 322 0.70 -41.23 -26.03
C PRO A 322 1.45 -42.32 -26.78
N HIS A 323 2.66 -42.66 -26.36
CA HIS A 323 3.38 -43.75 -26.98
C HIS A 323 3.98 -44.65 -25.91
N PRO A 324 4.07 -45.96 -26.18
CA PRO A 324 4.59 -46.89 -25.16
C PRO A 324 6.11 -46.84 -24.99
N ARG A 325 6.84 -46.25 -25.94
CA ARG A 325 8.29 -46.15 -25.85
C ARG A 325 8.73 -44.72 -25.53
N CYS A 326 7.90 -43.98 -24.82
CA CYS A 326 8.21 -42.58 -24.52
C CYS A 326 9.41 -42.46 -23.58
N VAL A 327 10.24 -41.46 -23.83
CA VAL A 327 11.40 -41.16 -23.00
C VAL A 327 11.15 -39.82 -22.31
N PRO A 328 11.03 -39.81 -20.98
CA PRO A 328 10.74 -38.57 -20.26
C PRO A 328 12.00 -37.86 -19.78
N ARG A 329 11.87 -36.55 -19.60
CA ARG A 329 12.96 -35.70 -19.14
C ARG A 329 12.44 -34.71 -18.12
N ARG A 330 13.37 -34.14 -17.34
CA ARG A 330 13.05 -33.14 -16.33
C ARG A 330 14.07 -32.03 -16.39
N CYS A 331 13.61 -30.79 -16.20
CA CYS A 331 14.46 -29.61 -16.30
C CYS A 331 14.23 -28.71 -15.09
N VAL A 332 15.30 -28.06 -14.64
CA VAL A 332 15.24 -27.10 -13.53
C VAL A 332 15.86 -25.78 -14.02
N ILE A 333 15.13 -24.69 -13.84
CA ILE A 333 15.52 -23.37 -14.33
C ILE A 333 15.64 -22.44 -13.13
N PRO A 334 16.84 -22.01 -12.74
CA PRO A 334 16.96 -21.12 -11.58
C PRO A 334 16.86 -19.65 -11.94
N CYS A 335 15.88 -18.94 -11.38
CA CYS A 335 15.77 -17.51 -11.56
C CYS A 335 15.46 -16.85 -10.22
N GLN A 336 15.87 -15.59 -10.08
CA GLN A 336 15.93 -14.93 -8.77
C GLN A 336 14.55 -14.68 -8.17
N SER A 337 13.59 -14.21 -8.96
CA SER A 337 12.30 -13.84 -8.39
C SER A 337 11.21 -13.93 -9.45
N PHE A 338 9.96 -13.85 -8.98
CA PHE A 338 8.79 -13.90 -9.83
C PHE A 338 7.83 -12.77 -9.45
N VAL A 339 7.04 -12.35 -10.44
CA VAL A 339 5.98 -11.38 -10.26
C VAL A 339 4.71 -11.96 -10.88
N VAL A 340 3.60 -11.24 -10.70
CA VAL A 340 2.33 -11.70 -11.27
C VAL A 340 2.25 -11.42 -12.76
N THR A 341 3.12 -10.56 -13.29
CA THR A 341 3.10 -10.20 -14.70
C THR A 341 4.09 -11.03 -15.53
N ASP A 342 4.34 -12.27 -15.15
CA ASP A 342 5.30 -13.12 -15.82
C ASP A 342 4.60 -14.15 -16.68
N VAL A 343 4.93 -14.16 -17.97
CA VAL A 343 4.49 -15.19 -18.91
C VAL A 343 5.73 -15.80 -19.53
N ASP A 344 5.89 -17.11 -19.35
CA ASP A 344 7.08 -17.83 -19.78
C ASP A 344 6.78 -18.55 -21.09
N TYR A 345 7.62 -18.31 -22.10
CA TYR A 345 7.44 -18.90 -23.41
C TYR A 345 8.38 -20.11 -23.53
N PHE A 346 7.81 -21.28 -23.79
CA PHE A 346 8.59 -22.50 -23.94
C PHE A 346 8.36 -23.07 -25.34
N SER A 347 9.46 -23.36 -26.04
CA SER A 347 9.40 -23.92 -27.37
C SER A 347 10.47 -24.99 -27.51
N PHE A 348 10.27 -25.88 -28.47
CA PHE A 348 11.21 -26.96 -28.76
C PHE A 348 11.80 -26.76 -30.14
N GLN A 349 13.12 -26.72 -30.22
CA GLN A 349 13.82 -26.47 -31.48
C GLN A 349 14.70 -27.67 -31.82
N PRO A 350 14.50 -28.31 -32.97
CA PRO A 350 15.42 -29.37 -33.39
C PRO A 350 16.87 -28.91 -33.42
N ASP A 351 17.75 -29.67 -32.76
CA ASP A 351 19.16 -29.30 -32.72
C ASP A 351 19.77 -29.28 -34.11
N ARG A 352 19.83 -30.43 -34.76
CA ARG A 352 20.28 -30.47 -36.13
C ARG A 352 19.22 -29.93 -37.06
N PRO A 353 19.61 -29.31 -38.16
CA PRO A 353 18.62 -28.72 -39.06
C PRO A 353 18.10 -29.72 -40.09
N LEU A 354 16.79 -29.72 -40.32
CA LEU A 354 16.20 -30.61 -41.31
C LEU A 354 16.33 -30.00 -42.71
N ILE B 13 -4.97 -10.49 -15.16
CA ILE B 13 -4.05 -9.98 -14.14
C ILE B 13 -4.80 -9.14 -13.12
N PRO B 14 -5.01 -9.69 -11.92
CA PRO B 14 -5.69 -8.93 -10.87
C PRO B 14 -4.87 -7.72 -10.44
N THR B 15 -5.46 -6.54 -10.61
CA THR B 15 -4.75 -5.31 -10.28
C THR B 15 -4.48 -5.18 -8.79
N SER B 16 -5.31 -5.77 -7.94
CA SER B 16 -5.05 -5.73 -6.51
C SER B 16 -3.74 -6.44 -6.16
N ALA B 17 -3.60 -7.69 -6.63
CA ALA B 17 -2.35 -8.42 -6.43
C ALA B 17 -1.19 -7.73 -7.15
N LEU B 18 -1.46 -7.10 -8.28
CA LEU B 18 -0.42 -6.36 -8.99
C LEU B 18 0.15 -5.25 -8.13
N VAL B 19 -0.72 -4.38 -7.59
CA VAL B 19 -0.26 -3.27 -6.78
C VAL B 19 0.36 -3.78 -5.48
N LYS B 20 -0.19 -4.86 -4.93
CA LYS B 20 0.34 -5.40 -3.68
C LYS B 20 1.76 -5.93 -3.87
N GLU B 21 2.00 -6.69 -4.94
CA GLU B 21 3.34 -7.17 -5.23
C GLU B 21 4.28 -6.01 -5.55
N THR B 22 3.77 -4.98 -6.26
CA THR B 22 4.61 -3.84 -6.57
C THR B 22 5.07 -3.14 -5.29
N LEU B 23 4.16 -2.95 -4.33
CA LEU B 23 4.54 -2.34 -3.06
C LEU B 23 5.52 -3.21 -2.28
N ALA B 24 5.29 -4.53 -2.26
CA ALA B 24 6.21 -5.41 -1.54
C ALA B 24 7.61 -5.33 -2.13
N LEU B 25 7.73 -5.37 -3.45
CA LEU B 25 9.03 -5.26 -4.09
C LEU B 25 9.64 -3.88 -3.86
N LEU B 26 8.81 -2.83 -3.85
CA LEU B 26 9.31 -1.48 -3.62
C LEU B 26 9.91 -1.37 -2.23
N SER B 27 9.25 -1.98 -1.24
CA SER B 27 9.82 -2.02 0.10
C SER B 27 11.12 -2.83 0.13
N THR B 28 11.16 -3.95 -0.60
CA THR B 28 12.33 -4.82 -0.56
C THR B 28 13.53 -4.18 -1.25
N HIS B 29 13.33 -3.63 -2.46
CA HIS B 29 14.43 -3.15 -3.29
C HIS B 29 14.62 -1.63 -3.20
N ARG B 30 14.42 -1.05 -2.02
CA ARG B 30 14.49 0.39 -1.88
C ARG B 30 15.89 0.91 -2.12
N THR B 31 16.89 0.32 -1.44
CA THR B 31 18.25 0.83 -1.52
C THR B 31 18.78 0.80 -2.95
N LEU B 32 18.41 -0.22 -3.73
CA LEU B 32 18.78 -0.24 -5.14
C LEU B 32 18.18 0.94 -5.89
N LEU B 33 17.03 1.44 -5.44
CA LEU B 33 16.41 2.60 -6.06
C LEU B 33 17.02 3.92 -5.58
N ILE B 34 17.56 3.98 -4.38
CA ILE B 34 18.37 5.13 -3.95
C ILE B 34 19.87 4.85 -4.13
N ALA B 35 20.22 3.97 -5.07
CA ALA B 35 21.62 3.70 -5.38
C ALA B 35 22.45 4.97 -5.45
N ASN B 36 21.97 6.02 -6.13
CA ASN B 36 22.77 7.24 -6.19
C ASN B 36 22.00 8.38 -5.52
N GLU B 37 22.63 9.54 -5.35
CA GLU B 37 22.23 10.44 -4.28
C GLU B 37 21.99 11.88 -4.73
N THR B 38 21.85 12.13 -6.02
CA THR B 38 21.76 13.51 -6.50
C THR B 38 20.58 13.75 -7.44
N LEU B 39 20.04 12.71 -8.07
CA LEU B 39 18.94 12.90 -9.02
C LEU B 39 17.68 13.36 -8.29
N ARG B 40 16.98 14.31 -8.91
CA ARG B 40 15.72 14.85 -8.41
C ARG B 40 14.56 14.25 -9.19
N ILE B 41 13.40 14.13 -8.54
CA ILE B 41 12.21 13.61 -9.22
C ILE B 41 11.01 14.50 -8.91
N PRO B 42 10.14 14.77 -9.88
CA PRO B 42 8.90 15.44 -9.61
C PRO B 42 8.16 14.91 -8.38
N VAL B 43 7.95 15.75 -7.38
CA VAL B 43 7.16 15.38 -6.20
C VAL B 43 6.09 16.44 -5.97
N PRO B 44 4.81 16.10 -6.10
CA PRO B 44 3.74 17.05 -5.79
C PRO B 44 3.84 17.59 -4.37
N VAL B 45 3.53 18.87 -4.21
CA VAL B 45 3.59 19.51 -2.90
C VAL B 45 2.52 18.94 -1.97
N HIS B 46 1.32 18.75 -2.50
CA HIS B 46 0.18 18.31 -1.70
C HIS B 46 0.18 16.78 -1.60
N LYS B 47 -0.92 16.22 -1.08
CA LYS B 47 -1.04 14.79 -0.89
C LYS B 47 -2.22 14.19 -1.67
N ASN B 48 -2.58 14.79 -2.80
CA ASN B 48 -3.59 14.24 -3.70
C ASN B 48 -2.87 13.44 -4.77
N HIS B 49 -2.59 12.17 -4.46
CA HIS B 49 -1.85 11.31 -5.38
C HIS B 49 -2.60 11.12 -6.69
N GLN B 50 -3.91 10.97 -6.60
CA GLN B 50 -4.72 10.61 -7.76
C GLN B 50 -4.67 11.68 -8.83
N LEU B 51 -4.66 12.96 -8.42
CA LEU B 51 -4.68 14.04 -9.40
C LEU B 51 -3.36 14.12 -10.16
N CYS B 52 -2.25 13.78 -9.51
CA CYS B 52 -0.92 13.93 -10.09
C CYS B 52 -0.24 12.60 -10.36
N THR B 53 -1.04 11.53 -10.56
CA THR B 53 -0.48 10.25 -10.99
C THR B 53 0.32 10.39 -12.29
N GLU B 54 -0.06 11.35 -13.14
CA GLU B 54 0.68 11.57 -14.38
C GLU B 54 2.12 11.99 -14.10
N GLU B 55 2.30 12.99 -13.22
CA GLU B 55 3.65 13.41 -12.86
C GLU B 55 4.38 12.34 -12.07
N ILE B 56 3.64 11.59 -11.25
CA ILE B 56 4.26 10.49 -10.51
C ILE B 56 4.85 9.47 -11.48
N PHE B 57 4.10 9.11 -12.52
CA PHE B 57 4.59 8.13 -13.47
C PHE B 57 5.65 8.71 -14.41
N GLN B 58 5.62 10.02 -14.65
CA GLN B 58 6.74 10.64 -15.34
C GLN B 58 8.03 10.52 -14.52
N GLY B 59 7.93 10.71 -13.21
CA GLY B 59 9.07 10.47 -12.35
C GLY B 59 9.50 9.02 -12.35
N ILE B 60 8.55 8.10 -12.41
CA ILE B 60 8.87 6.68 -12.57
C ILE B 60 9.65 6.46 -13.86
N GLY B 61 9.22 7.11 -14.94
CA GLY B 61 9.96 7.01 -16.18
C GLY B 61 11.38 7.54 -16.08
N THR B 62 11.56 8.64 -15.34
CA THR B 62 12.91 9.16 -15.12
C THR B 62 13.76 8.16 -14.34
N LEU B 63 13.20 7.58 -13.28
CA LEU B 63 13.94 6.57 -12.52
C LEU B 63 14.27 5.36 -13.38
N GLU B 64 13.35 4.98 -14.27
CA GLU B 64 13.64 3.95 -15.26
C GLU B 64 14.79 4.33 -16.17
N SER B 65 14.80 5.58 -16.63
CA SER B 65 15.88 6.05 -17.48
C SER B 65 17.22 6.07 -16.77
N GLN B 66 17.23 6.17 -15.45
CA GLN B 66 18.50 6.23 -14.71
C GLN B 66 18.44 5.32 -13.49
N THR B 67 18.82 4.05 -13.68
CA THR B 67 18.90 3.03 -12.64
C THR B 67 19.60 1.82 -13.27
N VAL B 68 20.25 1.02 -12.43
CA VAL B 68 20.92 -0.20 -12.86
C VAL B 68 19.94 -1.07 -13.64
N GLN B 69 20.26 -1.36 -14.90
CA GLN B 69 19.34 -2.04 -15.80
C GLN B 69 19.50 -3.55 -15.63
N GLY B 70 18.69 -4.12 -14.75
CA GLY B 70 18.74 -5.55 -14.50
C GLY B 70 18.24 -5.87 -13.10
N GLY B 71 18.52 -7.10 -12.68
CA GLY B 71 18.09 -7.53 -11.37
C GLY B 71 16.59 -7.58 -11.26
N THR B 72 16.08 -7.31 -10.06
CA THR B 72 14.64 -7.27 -9.81
C THR B 72 14.07 -5.86 -9.89
N VAL B 73 14.92 -4.84 -9.98
CA VAL B 73 14.44 -3.47 -10.14
C VAL B 73 13.72 -3.31 -11.47
N GLU B 74 14.33 -3.82 -12.55
CA GLU B 74 13.69 -3.78 -13.85
C GLU B 74 12.43 -4.64 -13.87
N ARG B 75 12.35 -5.66 -13.02
CA ARG B 75 11.17 -6.48 -12.90
C ARG B 75 10.04 -5.78 -12.18
N LEU B 76 10.37 -4.97 -11.16
CA LEU B 76 9.39 -4.11 -10.51
C LEU B 76 8.89 -3.02 -11.44
N PHE B 77 9.79 -2.51 -12.29
CA PHE B 77 9.39 -1.46 -13.22
C PHE B 77 8.37 -1.98 -14.23
N LYS B 78 8.36 -3.30 -14.49
CA LYS B 78 7.34 -3.87 -15.35
C LYS B 78 5.96 -3.75 -14.71
N ASN B 79 5.85 -4.07 -13.42
CA ASN B 79 4.58 -3.91 -12.73
C ASN B 79 4.17 -2.44 -12.68
N LEU B 80 5.15 -1.54 -12.48
CA LEU B 80 4.83 -0.11 -12.51
C LEU B 80 4.31 0.32 -13.86
N SER B 81 4.90 -0.20 -14.95
CA SER B 81 4.44 0.16 -16.28
C SER B 81 3.03 -0.38 -16.54
N LEU B 82 2.73 -1.57 -16.05
CA LEU B 82 1.37 -2.09 -16.21
C LEU B 82 0.37 -1.26 -15.41
N ILE B 83 0.76 -0.81 -14.21
CA ILE B 83 -0.09 0.09 -13.44
C ILE B 83 -0.30 1.39 -14.21
N LYS B 84 0.75 1.87 -14.88
CA LYS B 84 0.61 3.08 -15.70
C LYS B 84 -0.36 2.84 -16.85
N LYS B 85 -0.34 1.64 -17.43
CA LYS B 85 -1.31 1.31 -18.48
C LYS B 85 -2.72 1.34 -17.94
N TYR B 86 -2.91 0.83 -16.72
CA TYR B 86 -4.22 0.94 -16.05
C TYR B 86 -4.64 2.40 -15.88
N ILE B 87 -3.69 3.23 -15.42
CA ILE B 87 -3.97 4.64 -15.19
C ILE B 87 -4.36 5.32 -16.49
N ASP B 88 -3.65 5.00 -17.57
CA ASP B 88 -3.97 5.59 -18.87
C ASP B 88 -5.30 5.08 -19.42
N GLY B 89 -5.65 3.83 -19.10
CA GLY B 89 -6.95 3.31 -19.48
C GLY B 89 -8.06 4.12 -18.86
N GLN B 90 -7.94 4.42 -17.57
CA GLN B 90 -9.02 5.17 -16.92
C GLN B 90 -8.83 6.69 -17.04
N LYS B 91 -7.71 7.10 -17.65
CA LYS B 91 -7.62 8.39 -18.35
C LYS B 91 -8.48 8.47 -19.59
N LYS B 92 -8.38 7.49 -20.49
CA LYS B 92 -9.10 7.52 -21.75
C LYS B 92 -10.59 7.25 -21.57
N LYS B 93 -10.98 6.51 -20.53
CA LYS B 93 -12.40 6.31 -20.26
C LYS B 93 -13.13 7.61 -19.98
N CYS B 94 -12.42 8.68 -19.60
CA CYS B 94 -13.09 9.96 -19.36
C CYS B 94 -13.71 10.51 -20.64
N GLY B 95 -12.93 10.54 -21.72
CA GLY B 95 -13.38 11.08 -22.99
C GLY B 95 -13.72 10.00 -23.99
N GLU B 96 -13.90 10.42 -25.24
CA GLU B 96 -14.22 9.54 -26.37
C GLU B 96 -15.50 8.74 -26.07
N GLU B 97 -16.54 9.48 -25.70
CA GLU B 97 -17.85 8.90 -25.41
C GLU B 97 -18.93 9.90 -25.79
N ARG B 98 -20.14 9.67 -25.27
CA ARG B 98 -21.38 10.24 -25.78
C ARG B 98 -22.35 10.54 -24.66
N ARG B 99 -23.17 11.59 -24.88
CA ARG B 99 -24.22 11.99 -23.95
C ARG B 99 -25.02 13.18 -24.47
N ARG B 100 -26.22 13.41 -23.89
CA ARG B 100 -27.11 14.49 -24.28
C ARG B 100 -26.98 15.74 -23.40
N VAL B 101 -25.84 15.94 -22.75
CA VAL B 101 -25.48 17.15 -22.01
C VAL B 101 -26.19 17.20 -20.65
N ASN B 102 -27.43 16.74 -20.57
CA ASN B 102 -28.14 16.75 -19.29
C ASN B 102 -27.44 15.88 -18.26
N GLN B 103 -27.13 14.64 -18.62
CA GLN B 103 -26.39 13.80 -17.70
C GLN B 103 -24.93 14.23 -17.59
N PHE B 104 -24.42 15.00 -18.55
CA PHE B 104 -23.13 15.65 -18.36
C PHE B 104 -23.18 16.63 -17.19
N LEU B 105 -24.25 17.42 -17.12
CA LEU B 105 -24.41 18.32 -15.97
C LEU B 105 -24.63 17.53 -14.68
N ASP B 106 -25.33 16.40 -14.78
CA ASP B 106 -25.41 15.48 -13.64
C ASP B 106 -24.01 15.10 -13.16
N TYR B 107 -23.16 14.67 -14.09
CA TYR B 107 -21.79 14.30 -13.75
C TYR B 107 -21.01 15.48 -13.18
N LEU B 108 -21.24 16.67 -13.73
CA LEU B 108 -20.56 17.86 -13.26
C LEU B 108 -20.91 18.16 -11.81
N GLN B 109 -22.20 18.08 -11.47
CA GLN B 109 -22.62 18.29 -10.09
C GLN B 109 -22.05 17.21 -9.18
N GLU B 110 -22.01 15.97 -9.65
CA GLU B 110 -21.39 14.90 -8.88
C GLU B 110 -19.94 15.23 -8.55
N PHE B 111 -19.17 15.63 -9.57
CA PHE B 111 -17.76 15.97 -9.36
C PHE B 111 -17.61 17.17 -8.43
N LEU B 112 -18.49 18.18 -8.59
CA LEU B 112 -18.43 19.35 -7.73
C LEU B 112 -18.61 18.95 -6.28
N GLY B 113 -19.64 18.17 -5.98
CA GLY B 113 -19.85 17.71 -4.62
C GLY B 113 -18.68 16.89 -4.10
N VAL B 114 -18.15 16.00 -4.94
CA VAL B 114 -17.03 15.15 -4.52
C VAL B 114 -15.84 16.01 -4.11
N MET B 115 -15.47 16.97 -4.98
CA MET B 115 -14.26 17.73 -4.70
C MET B 115 -14.48 18.74 -3.58
N ASN B 116 -15.73 19.19 -3.37
CA ASN B 116 -16.01 20.08 -2.26
C ASN B 116 -15.92 19.34 -0.92
N THR B 117 -16.51 18.16 -0.84
CA THR B 117 -16.60 17.49 0.46
C THR B 117 -15.34 16.69 0.77
N GLU B 118 -14.90 15.83 -0.16
CA GLU B 118 -13.84 14.88 0.16
C GLU B 118 -12.48 15.56 0.28
N TRP B 119 -12.22 16.58 -0.53
CA TRP B 119 -10.92 17.24 -0.52
C TRP B 119 -10.71 18.00 0.80
N GLU C 12 -14.51 38.41 -4.05
CA GLU C 12 -13.19 37.80 -4.20
C GLU C 12 -13.29 36.28 -4.09
N ILE C 13 -14.05 35.83 -3.08
CA ILE C 13 -14.49 34.46 -2.79
C ILE C 13 -13.28 33.60 -2.45
N PRO C 14 -13.38 32.68 -1.48
CA PRO C 14 -12.32 31.67 -1.33
C PRO C 14 -12.60 30.44 -2.18
N THR C 15 -11.74 29.43 -2.06
CA THR C 15 -11.84 28.22 -2.86
C THR C 15 -12.57 27.10 -2.14
N SER C 16 -13.58 27.44 -1.33
CA SER C 16 -14.36 26.44 -0.62
C SER C 16 -15.87 26.64 -0.73
N ALA C 17 -16.33 27.83 -1.14
CA ALA C 17 -17.75 28.07 -1.35
C ALA C 17 -18.12 28.20 -2.83
N LEU C 18 -17.14 28.22 -3.72
CA LEU C 18 -17.42 28.30 -5.15
C LEU C 18 -18.23 27.10 -5.61
N VAL C 19 -18.02 25.93 -4.99
CA VAL C 19 -18.77 24.74 -5.37
C VAL C 19 -20.25 24.91 -5.02
N LYS C 20 -20.54 25.41 -3.82
CA LYS C 20 -21.91 25.66 -3.43
C LYS C 20 -22.56 26.68 -4.36
N GLU C 21 -21.82 27.74 -4.68
CA GLU C 21 -22.31 28.74 -5.61
C GLU C 21 -22.67 28.11 -6.96
N THR C 22 -21.74 27.32 -7.51
CA THR C 22 -21.95 26.69 -8.81
C THR C 22 -23.11 25.72 -8.77
N LEU C 23 -23.23 24.96 -7.68
CA LEU C 23 -24.30 23.98 -7.57
C LEU C 23 -25.66 24.66 -7.56
N ALA C 24 -25.79 25.74 -6.78
CA ALA C 24 -27.05 26.47 -6.79
C ALA C 24 -27.35 27.05 -8.17
N LEU C 25 -26.35 27.67 -8.80
CA LEU C 25 -26.58 28.27 -10.11
C LEU C 25 -26.97 27.23 -11.15
N LEU C 26 -26.30 26.06 -11.13
CA LEU C 26 -26.59 25.00 -12.08
C LEU C 26 -27.98 24.42 -11.84
N SER C 27 -28.36 24.23 -10.58
CA SER C 27 -29.70 23.74 -10.29
C SER C 27 -30.75 24.76 -10.72
N THR C 28 -30.37 26.04 -10.81
CA THR C 28 -31.32 27.07 -11.20
C THR C 28 -31.72 26.96 -12.66
N HIS C 29 -30.78 26.64 -13.55
CA HIS C 29 -30.93 26.86 -14.99
C HIS C 29 -30.61 25.59 -15.80
N ARG C 30 -31.25 24.48 -15.43
CA ARG C 30 -31.02 23.23 -16.15
C ARG C 30 -31.60 23.28 -17.57
N THR C 31 -32.85 23.71 -17.71
CA THR C 31 -33.53 23.66 -19.00
C THR C 31 -33.01 24.70 -19.98
N LEU C 32 -32.46 25.82 -19.50
CA LEU C 32 -31.83 26.77 -20.39
C LEU C 32 -30.49 26.26 -20.91
N LEU C 33 -29.91 25.26 -20.26
CA LEU C 33 -28.61 24.74 -20.62
C LEU C 33 -28.67 23.43 -21.39
N ILE C 34 -29.79 22.70 -21.32
CA ILE C 34 -29.91 21.46 -22.07
C ILE C 34 -30.86 21.66 -23.24
N ALA C 35 -30.92 22.89 -23.76
CA ALA C 35 -31.83 23.20 -24.85
C ALA C 35 -31.50 22.40 -26.11
N ASN C 36 -30.21 22.27 -26.43
CA ASN C 36 -29.80 21.64 -27.67
C ASN C 36 -29.97 20.13 -27.60
N GLU C 37 -30.30 19.53 -28.74
CA GLU C 37 -30.39 18.08 -28.87
C GLU C 37 -29.28 17.47 -29.72
N THR C 38 -28.79 18.17 -30.73
CA THR C 38 -27.74 17.63 -31.59
C THR C 38 -26.36 17.80 -30.99
N LEU C 39 -26.20 18.70 -30.01
CA LEU C 39 -24.89 18.88 -29.39
C LEU C 39 -24.53 17.63 -28.58
N ARG C 40 -23.32 17.13 -28.79
CA ARG C 40 -22.90 15.86 -28.20
C ARG C 40 -21.53 16.08 -27.56
N ILE C 41 -21.45 15.88 -26.25
CA ILE C 41 -20.21 16.15 -25.51
C ILE C 41 -19.85 14.96 -24.63
N PRO C 42 -18.57 14.75 -24.30
CA PRO C 42 -18.17 13.53 -23.59
C PRO C 42 -18.58 13.51 -22.13
N VAL C 43 -18.72 12.30 -21.60
CA VAL C 43 -18.97 12.05 -20.17
C VAL C 43 -18.22 10.80 -19.74
N PRO C 44 -17.45 10.86 -18.65
CA PRO C 44 -16.78 9.66 -18.13
C PRO C 44 -17.78 8.67 -17.54
N VAL C 45 -17.28 7.45 -17.29
CA VAL C 45 -18.09 6.40 -16.70
C VAL C 45 -17.41 5.80 -15.47
N HIS C 46 -16.10 5.98 -15.37
CA HIS C 46 -15.38 5.43 -14.23
C HIS C 46 -15.68 6.24 -12.97
N LYS C 47 -15.43 5.62 -11.82
CA LYS C 47 -15.58 6.27 -10.54
C LYS C 47 -14.32 7.08 -10.24
N ASN C 48 -14.25 7.64 -9.02
CA ASN C 48 -13.10 8.43 -8.59
C ASN C 48 -12.79 9.54 -9.61
N HIS C 49 -13.70 10.52 -9.61
CA HIS C 49 -13.76 11.56 -10.62
C HIS C 49 -12.55 12.48 -10.62
N GLN C 50 -11.55 12.22 -9.77
CA GLN C 50 -10.37 13.07 -9.67
C GLN C 50 -9.60 13.18 -10.99
N LEU C 51 -9.77 12.22 -11.90
CA LEU C 51 -8.87 12.10 -13.04
C LEU C 51 -9.43 12.65 -14.35
N CYS C 52 -10.67 13.16 -14.36
CA CYS C 52 -11.28 13.63 -15.61
C CYS C 52 -11.63 15.11 -15.56
N THR C 53 -10.91 15.89 -14.75
CA THR C 53 -11.21 17.31 -14.61
C THR C 53 -11.03 18.05 -15.93
N GLU C 54 -9.98 17.70 -16.68
CA GLU C 54 -9.73 18.37 -17.94
C GLU C 54 -10.89 18.18 -18.91
N GLU C 55 -11.40 16.95 -19.00
CA GLU C 55 -12.55 16.69 -19.86
C GLU C 55 -13.80 17.39 -19.34
N ILE C 56 -13.96 17.46 -18.02
CA ILE C 56 -15.10 18.15 -17.43
C ILE C 56 -15.11 19.61 -17.86
N PHE C 57 -13.96 20.27 -17.73
CA PHE C 57 -13.91 21.69 -18.09
C PHE C 57 -13.90 21.90 -19.60
N GLN C 58 -13.49 20.89 -20.38
CA GLN C 58 -13.68 20.95 -21.82
C GLN C 58 -15.16 20.99 -22.17
N GLY C 59 -15.94 20.11 -21.53
CA GLY C 59 -17.38 20.15 -21.72
C GLY C 59 -17.97 21.46 -21.26
N ILE C 60 -17.45 22.02 -20.16
CA ILE C 60 -17.90 23.32 -19.68
C ILE C 60 -17.65 24.39 -20.71
N GLY C 61 -16.46 24.37 -21.31
CA GLY C 61 -16.14 25.38 -22.33
C GLY C 61 -17.03 25.26 -23.55
N THR C 62 -17.28 24.03 -24.00
CA THR C 62 -18.19 23.85 -25.13
C THR C 62 -19.60 24.33 -24.78
N LEU C 63 -20.07 24.03 -23.57
CA LEU C 63 -21.38 24.46 -23.14
C LEU C 63 -21.48 25.98 -23.10
N GLU C 64 -20.44 26.65 -22.62
CA GLU C 64 -20.41 28.11 -22.65
C GLU C 64 -20.39 28.64 -24.09
N SER C 65 -19.63 28.01 -24.97
CA SER C 65 -19.61 28.42 -26.37
C SER C 65 -20.97 28.26 -27.04
N GLN C 66 -21.81 27.34 -26.55
CA GLN C 66 -23.16 27.17 -27.10
C GLN C 66 -24.24 27.95 -26.37
N THR C 67 -24.21 27.97 -25.04
CA THR C 67 -25.28 28.59 -24.27
C THR C 67 -25.21 30.10 -24.35
N VAL C 68 -26.38 30.75 -24.33
CA VAL C 68 -26.44 32.20 -24.47
C VAL C 68 -25.91 32.85 -23.21
N GLN C 69 -24.98 33.79 -23.38
CA GLN C 69 -24.37 34.50 -22.25
C GLN C 69 -25.26 35.67 -21.86
N GLY C 70 -26.23 35.37 -20.99
CA GLY C 70 -27.14 36.38 -20.49
C GLY C 70 -27.75 36.00 -19.15
N GLY C 71 -27.78 36.94 -18.22
CA GLY C 71 -28.35 36.67 -16.92
C GLY C 71 -27.41 35.90 -16.01
N THR C 72 -28.02 35.02 -15.21
CA THR C 72 -27.29 34.27 -14.20
C THR C 72 -26.28 33.32 -14.84
N VAL C 73 -26.48 32.96 -16.11
CA VAL C 73 -25.61 31.98 -16.77
C VAL C 73 -24.19 32.54 -16.90
N GLU C 74 -24.07 33.84 -17.17
CA GLU C 74 -22.76 34.46 -17.34
C GLU C 74 -21.94 34.35 -16.06
N ARG C 75 -22.56 34.69 -14.93
CA ARG C 75 -21.85 34.60 -13.65
C ARG C 75 -21.61 33.15 -13.28
N LEU C 76 -22.48 32.24 -13.72
CA LEU C 76 -22.25 30.81 -13.51
C LEU C 76 -20.98 30.36 -14.22
N PHE C 77 -20.80 30.80 -15.47
CA PHE C 77 -19.62 30.38 -16.23
C PHE C 77 -18.36 31.08 -15.73
N LYS C 78 -18.49 32.33 -15.27
CA LYS C 78 -17.35 33.00 -14.65
C LYS C 78 -16.91 32.26 -13.39
N ASN C 79 -17.87 31.83 -12.57
CA ASN C 79 -17.56 31.02 -11.40
C ASN C 79 -16.91 29.71 -11.81
N LEU C 80 -17.38 29.12 -12.91
CA LEU C 80 -16.79 27.87 -13.40
C LEU C 80 -15.33 28.07 -13.78
N SER C 81 -15.01 29.17 -14.46
CA SER C 81 -13.62 29.46 -14.78
C SER C 81 -12.80 29.64 -13.50
N LEU C 82 -13.37 30.35 -12.52
CA LEU C 82 -12.66 30.60 -11.27
C LEU C 82 -12.35 29.30 -10.53
N ILE C 83 -13.28 28.34 -10.56
CA ILE C 83 -13.04 27.08 -9.87
C ILE C 83 -12.10 26.19 -10.69
N LYS C 84 -12.12 26.33 -12.02
CA LYS C 84 -11.14 25.64 -12.85
C LYS C 84 -9.74 26.07 -12.51
N LYS C 85 -9.57 27.36 -12.20
CA LYS C 85 -8.24 27.89 -11.88
C LYS C 85 -7.61 27.16 -10.70
N TYR C 86 -8.42 26.71 -9.73
CA TYR C 86 -7.87 26.03 -8.57
C TYR C 86 -7.29 24.66 -8.93
N ILE C 87 -8.02 23.89 -9.74
CA ILE C 87 -7.50 22.60 -10.18
C ILE C 87 -6.28 22.81 -11.08
N ASP C 88 -6.28 23.88 -11.87
CA ASP C 88 -5.08 24.21 -12.65
C ASP C 88 -3.89 24.46 -11.74
N GLY C 89 -4.10 25.20 -10.65
CA GLY C 89 -3.04 25.44 -9.69
C GLY C 89 -2.54 24.18 -9.01
N GLN C 90 -3.44 23.27 -8.65
CA GLN C 90 -3.01 21.99 -8.08
C GLN C 90 -2.23 21.14 -9.08
N LYS C 91 -2.68 21.11 -10.34
CA LYS C 91 -1.94 20.38 -11.37
C LYS C 91 -0.56 20.97 -11.57
N LYS C 92 -0.46 22.30 -11.54
CA LYS C 92 0.85 22.93 -11.56
C LYS C 92 1.67 22.56 -10.33
N LYS C 93 1.01 22.49 -9.16
CA LYS C 93 1.71 22.14 -7.93
C LYS C 93 2.29 20.73 -7.97
N CYS C 94 1.69 19.82 -8.74
CA CYS C 94 2.24 18.48 -8.81
C CYS C 94 3.68 18.44 -9.33
N GLY C 95 4.13 19.46 -10.06
CA GLY C 95 5.46 19.42 -10.63
C GLY C 95 6.32 20.63 -10.33
N GLU C 96 5.93 21.42 -9.32
CA GLU C 96 6.68 22.62 -8.99
C GLU C 96 7.95 22.28 -8.22
N GLU C 97 7.90 21.27 -7.38
CA GLU C 97 9.01 20.91 -6.51
C GLU C 97 9.59 19.55 -6.89
N ARG C 98 10.91 19.44 -6.77
CA ARG C 98 11.63 18.20 -7.04
C ARG C 98 12.41 17.81 -5.79
N ARG C 99 12.24 16.58 -5.35
CA ARG C 99 12.77 16.12 -4.06
C ARG C 99 13.67 14.90 -4.27
N ARG C 100 14.11 14.32 -3.16
CA ARG C 100 15.05 13.22 -3.19
C ARG C 100 14.37 11.92 -3.60
N VAL C 101 15.18 10.89 -3.78
CA VAL C 101 14.66 9.61 -4.23
C VAL C 101 13.87 8.91 -3.13
N ASN C 102 14.36 8.98 -1.88
CA ASN C 102 13.70 8.27 -0.80
C ASN C 102 12.32 8.86 -0.50
N GLN C 103 12.20 10.18 -0.53
CA GLN C 103 10.90 10.81 -0.30
C GLN C 103 9.92 10.46 -1.41
N PHE C 104 10.41 10.40 -2.65
CA PHE C 104 9.56 10.00 -3.77
C PHE C 104 9.16 8.53 -3.67
N LEU C 105 10.05 7.68 -3.15
CA LEU C 105 9.69 6.29 -2.93
C LEU C 105 8.62 6.15 -1.85
N ASP C 106 8.73 6.95 -0.79
CA ASP C 106 7.67 6.98 0.23
C ASP C 106 6.37 7.50 -0.37
N TYR C 107 6.46 8.47 -1.27
CA TYR C 107 5.28 8.97 -1.97
C TYR C 107 4.63 7.87 -2.80
N LEU C 108 5.46 7.06 -3.46
CA LEU C 108 4.94 5.91 -4.20
C LEU C 108 4.29 4.90 -3.28
N GLN C 109 4.88 4.65 -2.11
CA GLN C 109 4.28 3.73 -1.16
C GLN C 109 2.91 4.23 -0.72
N GLU C 110 2.81 5.53 -0.45
CA GLU C 110 1.51 6.13 -0.12
C GLU C 110 0.54 6.04 -1.29
N PHE C 111 1.04 6.27 -2.51
CA PHE C 111 0.21 6.22 -3.70
C PHE C 111 -0.38 4.83 -3.90
N LEU C 112 0.43 3.79 -3.75
CA LEU C 112 -0.07 2.44 -3.93
C LEU C 112 -0.91 1.99 -2.74
N GLY C 113 -0.64 2.52 -1.54
CA GLY C 113 -1.56 2.29 -0.44
C GLY C 113 -2.93 2.86 -0.70
N VAL C 114 -2.98 4.05 -1.32
CA VAL C 114 -4.25 4.60 -1.78
C VAL C 114 -4.86 3.70 -2.85
N MET C 115 -4.03 3.25 -3.79
CA MET C 115 -4.47 2.35 -4.86
C MET C 115 -5.09 1.08 -4.29
N ASN C 116 -4.70 0.69 -3.09
CA ASN C 116 -5.25 -0.49 -2.44
C ASN C 116 -6.48 -0.19 -1.59
N THR C 117 -6.44 0.87 -0.77
CA THR C 117 -7.56 1.15 0.12
C THR C 117 -8.78 1.66 -0.65
N GLU C 118 -8.57 2.55 -1.61
CA GLU C 118 -9.56 2.90 -2.61
C GLU C 118 -9.01 2.39 -3.94
N TRP C 119 -9.69 2.72 -5.03
CA TRP C 119 -9.22 2.31 -6.36
C TRP C 119 -9.09 0.79 -6.48
N ILE C 120 -9.98 0.07 -5.82
CA ILE C 120 -9.93 -1.38 -5.81
C ILE C 120 -10.06 -1.94 -7.22
N ARG D 561 4.56 -21.91 -39.03
CA ARG D 561 4.62 -21.23 -37.74
C ARG D 561 5.16 -22.15 -36.66
N ARG D 562 5.89 -21.57 -35.72
CA ARG D 562 6.49 -22.33 -34.63
C ARG D 562 5.47 -22.50 -33.51
N ALA D 563 5.26 -23.75 -33.10
CA ALA D 563 4.32 -24.06 -32.04
C ALA D 563 5.00 -23.83 -30.69
N GLU D 564 4.47 -22.88 -29.92
CA GLU D 564 5.00 -22.55 -28.60
C GLU D 564 3.92 -22.77 -27.57
N LYS D 565 4.34 -23.10 -26.34
CA LYS D 565 3.42 -23.30 -25.23
C LYS D 565 3.57 -22.16 -24.25
N HIS D 566 2.44 -21.59 -23.83
CA HIS D 566 2.43 -20.46 -22.90
C HIS D 566 2.25 -20.97 -21.48
N ILE D 567 3.24 -20.70 -20.62
CA ILE D 567 3.19 -21.10 -19.22
C ILE D 567 3.33 -19.84 -18.37
N LYS D 568 2.34 -19.60 -17.51
CA LYS D 568 2.35 -18.45 -16.62
C LYS D 568 2.83 -18.90 -15.25
N SER D 569 3.80 -18.16 -14.69
CA SER D 569 4.32 -18.50 -13.37
C SER D 569 3.27 -18.28 -12.29
N SER D 570 2.32 -17.38 -12.52
CA SER D 570 1.32 -17.06 -11.50
C SER D 570 0.31 -18.17 -11.32
N VAL D 571 -0.12 -18.82 -12.41
CA VAL D 571 -1.17 -19.81 -12.34
C VAL D 571 -0.60 -21.24 -12.45
N ASN D 572 0.68 -21.42 -12.16
CA ASN D 572 1.31 -22.73 -12.20
C ASN D 572 2.25 -22.90 -11.01
N ILE D 573 1.78 -22.53 -9.82
CA ILE D 573 2.64 -22.57 -8.64
C ILE D 573 2.59 -23.96 -8.01
N GLN D 574 3.77 -24.57 -7.85
CA GLN D 574 3.93 -25.83 -7.12
C GLN D 574 4.96 -25.54 -6.03
N MET D 575 4.49 -25.34 -4.80
CA MET D 575 5.40 -24.89 -3.75
C MET D 575 6.25 -26.04 -3.25
N ALA D 576 7.28 -25.69 -2.49
CA ALA D 576 8.12 -26.69 -1.86
C ALA D 576 7.33 -27.44 -0.79
N PRO D 577 7.61 -28.73 -0.59
CA PRO D 577 6.92 -29.48 0.45
C PRO D 577 7.19 -28.90 1.82
N PRO D 578 6.18 -28.86 2.69
CA PRO D 578 6.39 -28.34 4.04
C PRO D 578 7.21 -29.29 4.89
N SER D 579 7.67 -28.78 6.02
CA SER D 579 8.34 -29.57 7.04
C SER D 579 7.41 -29.78 8.22
N LEU D 580 7.12 -31.03 8.54
CA LEU D 580 6.12 -31.37 9.54
C LEU D 580 6.81 -31.85 10.82
N ASN D 581 6.47 -31.20 11.94
CA ASN D 581 6.98 -31.57 13.25
C ASN D 581 5.82 -32.04 14.13
N VAL D 582 6.14 -32.93 15.06
CA VAL D 582 5.16 -33.53 15.96
C VAL D 582 5.56 -33.22 17.39
N THR D 583 4.60 -32.71 18.17
CA THR D 583 4.83 -32.32 19.55
C THR D 583 3.88 -33.07 20.46
N LYS D 584 4.42 -33.65 21.53
CA LYS D 584 3.63 -34.36 22.54
C LYS D 584 3.43 -33.43 23.72
N ASP D 585 2.24 -32.83 23.81
CA ASP D 585 1.90 -31.91 24.88
C ASP D 585 0.93 -32.60 25.83
N GLY D 586 1.32 -32.72 27.10
CA GLY D 586 0.52 -33.42 28.08
C GLY D 586 0.31 -34.88 27.71
N ASP D 587 -0.94 -35.25 27.42
CA ASP D 587 -1.26 -36.59 26.97
C ASP D 587 -1.97 -36.57 25.62
N SER D 588 -1.63 -35.59 24.78
CA SER D 588 -2.19 -35.46 23.45
C SER D 588 -1.06 -35.15 22.47
N TYR D 589 -1.37 -35.26 21.18
CA TYR D 589 -0.39 -35.01 20.13
C TYR D 589 -0.94 -33.98 19.15
N SER D 590 -0.03 -33.25 18.52
CA SER D 590 -0.38 -32.20 17.59
C SER D 590 0.65 -32.15 16.48
N LEU D 591 0.23 -31.64 15.31
CA LEU D 591 1.08 -31.57 14.14
C LEU D 591 1.28 -30.11 13.75
N ARG D 592 2.54 -29.73 13.54
CA ARG D 592 2.90 -28.37 13.13
C ARG D 592 3.72 -28.45 11.86
N TRP D 593 3.36 -27.63 10.87
CA TRP D 593 4.03 -27.64 9.57
C TRP D 593 4.42 -26.23 9.20
N GLU D 594 5.55 -26.09 8.52
CA GLU D 594 6.06 -24.80 8.08
C GLU D 594 6.41 -24.87 6.61
N THR D 595 6.24 -23.75 5.91
CA THR D 595 6.51 -23.65 4.48
C THR D 595 7.60 -22.64 4.23
N MET D 596 8.30 -22.82 3.11
CA MET D 596 9.33 -21.87 2.71
C MET D 596 8.70 -20.50 2.48
N LYS D 597 9.32 -19.48 3.07
CA LYS D 597 8.76 -18.14 3.01
C LYS D 597 8.80 -17.60 1.58
N MET D 598 7.68 -17.05 1.12
CA MET D 598 7.67 -16.36 -0.15
C MET D 598 8.29 -14.98 -0.01
N ARG D 599 8.56 -14.36 -1.17
CA ARG D 599 8.90 -12.94 -1.18
C ARG D 599 7.67 -12.09 -0.88
N TYR D 600 6.48 -12.62 -1.13
CA TYR D 600 5.23 -11.94 -0.85
C TYR D 600 4.44 -12.78 0.16
N GLU D 601 4.10 -12.17 1.29
CA GLU D 601 3.40 -12.88 2.36
C GLU D 601 1.89 -12.91 2.17
N HIS D 602 1.37 -12.28 1.12
CA HIS D 602 -0.07 -12.15 0.93
C HIS D 602 -0.69 -13.29 0.13
N ILE D 603 0.10 -14.22 -0.39
CA ILE D 603 -0.44 -15.34 -1.14
C ILE D 603 -0.88 -16.42 -0.16
N ASP D 604 -2.17 -16.78 -0.21
CA ASP D 604 -2.72 -17.73 0.74
C ASP D 604 -2.20 -19.14 0.46
N HIS D 605 -2.33 -20.00 1.47
CA HIS D 605 -1.90 -21.39 1.37
C HIS D 605 -2.99 -22.30 1.92
N THR D 606 -3.29 -23.36 1.19
CA THR D 606 -4.24 -24.39 1.61
C THR D 606 -3.48 -25.68 1.86
N PHE D 607 -3.68 -26.28 3.03
CA PHE D 607 -2.92 -27.43 3.46
C PHE D 607 -3.85 -28.64 3.59
N GLU D 608 -3.47 -29.75 2.94
CA GLU D 608 -4.15 -31.03 3.08
C GLU D 608 -3.22 -31.97 3.83
N ILE D 609 -3.65 -32.41 5.01
CA ILE D 609 -2.78 -33.12 5.94
C ILE D 609 -3.45 -34.41 6.35
N GLN D 610 -2.71 -35.51 6.25
CA GLN D 610 -3.23 -36.86 6.40
C GLN D 610 -2.46 -37.59 7.49
N TYR D 611 -3.18 -38.37 8.29
CA TYR D 611 -2.56 -39.23 9.28
C TYR D 611 -3.25 -40.59 9.25
N ARG D 612 -2.47 -41.63 9.50
CA ARG D 612 -2.97 -42.99 9.42
C ARG D 612 -2.23 -43.88 10.39
N LYS D 613 -2.89 -44.99 10.75
CA LYS D 613 -2.24 -46.00 11.58
C LYS D 613 -1.24 -46.80 10.74
N ASP D 614 -0.29 -47.43 11.42
CA ASP D 614 0.75 -48.17 10.72
C ASP D 614 0.18 -49.39 9.99
N THR D 615 -0.90 -49.96 10.51
CA THR D 615 -1.51 -51.13 9.88
C THR D 615 -2.39 -50.76 8.69
N ALA D 616 -2.73 -49.49 8.53
CA ALA D 616 -3.61 -49.04 7.45
C ALA D 616 -2.82 -48.34 6.36
N THR D 617 -3.44 -48.28 5.18
CA THR D 617 -2.83 -47.67 4.00
C THR D 617 -3.25 -46.20 3.88
N TRP D 618 -2.53 -45.47 3.02
CA TRP D 618 -2.78 -44.04 2.88
C TRP D 618 -4.13 -43.73 2.23
N LYS D 619 -4.74 -44.71 1.56
CA LYS D 619 -6.08 -44.49 1.03
C LYS D 619 -7.10 -44.35 2.15
N ASP D 620 -6.96 -45.14 3.21
CA ASP D 620 -7.84 -45.08 4.36
C ASP D 620 -7.36 -44.12 5.43
N SER D 621 -6.56 -43.11 5.05
CA SER D 621 -6.00 -42.17 6.00
C SER D 621 -6.94 -40.97 6.18
N LYS D 622 -7.07 -40.53 7.43
CA LYS D 622 -7.91 -39.38 7.73
C LYS D 622 -7.31 -38.13 7.09
N THR D 623 -8.12 -37.43 6.29
CA THR D 623 -7.67 -36.24 5.58
C THR D 623 -8.41 -35.01 6.11
N GLU D 624 -7.65 -33.94 6.33
CA GLU D 624 -8.20 -32.67 6.78
C GLU D 624 -7.65 -31.55 5.90
N THR D 625 -8.53 -30.66 5.48
CA THR D 625 -8.17 -29.54 4.63
C THR D 625 -8.23 -28.25 5.46
N LEU D 626 -7.11 -27.55 5.53
CA LEU D 626 -7.00 -26.31 6.32
C LEU D 626 -6.46 -25.20 5.45
N GLN D 627 -6.96 -23.99 5.66
CA GLN D 627 -6.55 -22.81 4.91
C GLN D 627 -5.78 -21.88 5.83
N ASN D 628 -4.55 -21.56 5.46
CA ASN D 628 -3.67 -20.62 6.15
C ASN D 628 -3.35 -21.04 7.58
N ALA D 629 -3.66 -22.27 7.96
CA ALA D 629 -3.35 -22.77 9.28
C ALA D 629 -1.95 -23.36 9.33
N HIS D 630 -1.42 -23.50 10.54
CA HIS D 630 -0.09 -24.08 10.74
C HIS D 630 -0.04 -25.07 11.90
N SER D 631 -1.18 -25.55 12.37
CA SER D 631 -1.22 -26.56 13.42
C SER D 631 -2.65 -27.08 13.59
N MET D 632 -2.77 -28.39 13.88
CA MET D 632 -3.97 -28.93 14.48
C MET D 632 -3.56 -29.80 15.65
N ALA D 633 -4.42 -29.87 16.66
CA ALA D 633 -4.34 -30.96 17.61
C ALA D 633 -4.94 -32.22 17.00
N LEU D 634 -4.46 -33.36 17.46
CA LEU D 634 -4.98 -34.63 16.99
C LEU D 634 -5.94 -35.21 18.03
N PRO D 635 -6.93 -35.97 17.59
CA PRO D 635 -7.87 -36.56 18.55
C PRO D 635 -7.23 -37.64 19.41
N ALA D 636 -8.02 -38.26 20.28
CA ALA D 636 -7.51 -39.35 21.10
C ALA D 636 -7.14 -40.53 20.22
N LEU D 637 -5.88 -40.95 20.28
CA LEU D 637 -5.36 -42.02 19.45
C LEU D 637 -5.20 -43.29 20.27
N GLU D 638 -5.47 -44.43 19.64
CA GLU D 638 -5.37 -45.71 20.34
C GLU D 638 -3.95 -45.91 20.84
N PRO D 639 -3.77 -46.45 22.04
CA PRO D 639 -2.43 -46.56 22.61
C PRO D 639 -1.63 -47.69 21.96
N SER D 640 -0.30 -47.51 21.97
CA SER D 640 0.65 -48.55 21.59
C SER D 640 0.49 -48.96 20.12
N THR D 641 0.18 -47.99 19.27
CA THR D 641 0.15 -48.20 17.82
C THR D 641 0.90 -47.07 17.14
N ARG D 642 1.75 -47.42 16.18
CA ARG D 642 2.56 -46.44 15.47
C ARG D 642 1.69 -45.61 14.54
N TYR D 643 1.94 -44.30 14.49
CA TYR D 643 1.15 -43.35 13.72
C TYR D 643 2.05 -42.60 12.74
N TRP D 644 1.57 -42.40 11.53
CA TRP D 644 2.28 -41.65 10.50
C TRP D 644 1.46 -40.43 10.08
N ALA D 645 2.15 -39.41 9.57
CA ALA D 645 1.47 -38.21 9.09
C ALA D 645 2.33 -37.49 8.06
N ARG D 646 1.69 -36.65 7.27
CA ARG D 646 2.35 -35.91 6.20
C ARG D 646 1.43 -34.78 5.75
N VAL D 647 1.98 -33.87 4.95
CA VAL D 647 1.29 -32.64 4.59
C VAL D 647 1.72 -32.18 3.20
N ARG D 648 0.79 -31.57 2.47
CA ARG D 648 1.11 -30.84 1.25
C ARG D 648 0.42 -29.48 1.29
N VAL D 649 0.76 -28.63 0.33
CA VAL D 649 0.31 -27.24 0.34
C VAL D 649 0.19 -26.72 -1.09
N ARG D 650 -0.78 -25.83 -1.29
CA ARG D 650 -1.00 -25.19 -2.58
C ARG D 650 -1.49 -23.76 -2.35
N THR D 651 -1.37 -22.94 -3.39
CA THR D 651 -1.87 -21.56 -3.32
C THR D 651 -3.38 -21.55 -3.52
N SER D 652 -4.06 -20.67 -2.79
CA SER D 652 -5.52 -20.60 -2.84
C SER D 652 -6.03 -19.17 -2.85
N ARG D 653 -5.29 -18.25 -3.46
CA ARG D 653 -5.71 -16.86 -3.62
C ARG D 653 -5.97 -16.56 -5.09
N THR D 654 -7.02 -15.78 -5.34
CA THR D 654 -7.37 -15.43 -6.71
C THR D 654 -6.20 -14.73 -7.39
N GLY D 655 -5.90 -15.16 -8.62
CA GLY D 655 -4.74 -14.71 -9.34
C GLY D 655 -3.52 -15.60 -9.20
N TYR D 656 -3.56 -16.58 -8.29
CA TYR D 656 -2.45 -17.50 -8.10
C TYR D 656 -3.04 -18.91 -7.91
N ASN D 657 -2.77 -19.78 -8.87
CA ASN D 657 -3.27 -21.15 -8.82
C ASN D 657 -2.14 -22.11 -9.14
N GLY D 658 -2.37 -23.39 -8.89
CA GLY D 658 -1.37 -24.39 -9.18
C GLY D 658 -1.83 -25.75 -8.70
N ILE D 659 -0.94 -26.72 -8.82
CA ILE D 659 -1.21 -28.07 -8.38
C ILE D 659 -0.60 -28.28 -7.00
N TRP D 660 -1.01 -29.36 -6.34
CA TRP D 660 -0.56 -29.62 -4.98
C TRP D 660 0.95 -29.84 -4.94
N SER D 661 1.56 -29.37 -3.86
CA SER D 661 2.96 -29.71 -3.62
C SER D 661 3.09 -31.19 -3.31
N GLU D 662 4.31 -31.69 -3.44
CA GLU D 662 4.56 -33.09 -3.16
C GLU D 662 4.35 -33.37 -1.67
N TRP D 663 4.00 -34.62 -1.37
CA TRP D 663 3.78 -35.03 0.01
C TRP D 663 5.04 -34.78 0.84
N SER D 664 4.85 -34.28 2.05
CA SER D 664 5.97 -34.09 2.96
C SER D 664 6.45 -35.44 3.48
N GLU D 665 7.66 -35.42 4.03
CA GLU D 665 8.23 -36.64 4.58
C GLU D 665 7.36 -37.15 5.73
N ALA D 666 7.07 -38.44 5.70
CA ALA D 666 6.23 -39.04 6.74
C ALA D 666 6.93 -38.98 8.09
N ARG D 667 6.19 -38.58 9.11
CA ARG D 667 6.69 -38.51 10.47
C ARG D 667 5.98 -39.54 11.33
N SER D 668 6.75 -40.29 12.10
CA SER D 668 6.22 -41.38 12.91
C SER D 668 6.38 -41.07 14.39
N TRP D 669 5.43 -41.56 15.18
CA TRP D 669 5.46 -41.38 16.61
C TRP D 669 4.71 -42.53 17.27
N ASP D 670 5.20 -42.96 18.42
CA ASP D 670 4.60 -44.07 19.17
C ASP D 670 3.80 -43.52 20.33
N THR D 671 2.52 -43.84 20.39
CA THR D 671 1.69 -43.48 21.53
C THR D 671 2.12 -44.26 22.76
N GLU D 672 2.13 -43.60 23.91
CA GLU D 672 2.57 -44.25 25.13
C GLU D 672 1.61 -45.38 25.51
N SER D 673 2.13 -46.31 26.31
CA SER D 673 1.34 -47.44 26.77
C SER D 673 0.30 -47.00 27.78
N LYS E 15 30.59 35.59 -18.91
CA LYS E 15 30.30 34.45 -18.05
C LYS E 15 28.95 34.60 -17.36
N ILE E 16 28.15 33.53 -17.42
CA ILE E 16 26.85 33.53 -16.74
C ILE E 16 27.10 33.38 -15.24
N SER E 17 26.94 34.47 -14.50
CA SER E 17 27.15 34.49 -13.06
C SER E 17 25.80 34.61 -12.38
N LEU E 18 25.24 33.49 -11.94
CA LEU E 18 23.97 33.52 -11.24
C LEU E 18 24.10 34.29 -9.94
N LEU E 19 23.07 35.06 -9.61
CA LEU E 19 23.06 35.89 -8.42
C LEU E 19 22.03 35.39 -7.41
N PRO E 20 22.28 35.57 -6.11
CA PRO E 20 21.41 34.95 -5.12
C PRO E 20 20.04 35.59 -5.10
N PRO E 21 19.00 34.84 -4.70
CA PRO E 21 17.69 35.44 -4.51
C PRO E 21 17.68 36.37 -3.31
N VAL E 22 16.76 37.34 -3.35
CA VAL E 22 16.64 38.35 -2.31
C VAL E 22 15.25 38.29 -1.70
N ASN E 23 15.10 38.98 -0.57
CA ASN E 23 13.88 38.96 0.23
C ASN E 23 13.47 37.53 0.54
N PHE E 24 14.36 36.78 1.17
CA PHE E 24 14.10 35.42 1.59
C PHE E 24 13.67 35.45 3.06
N THR E 25 12.38 35.27 3.30
CA THR E 25 11.82 35.32 4.65
C THR E 25 11.09 34.03 4.94
N ILE E 26 11.17 33.58 6.19
CA ILE E 26 10.46 32.41 6.68
C ILE E 26 9.40 32.88 7.66
N LYS E 27 8.14 32.64 7.33
CA LYS E 27 7.01 33.09 8.13
C LYS E 27 6.26 31.88 8.67
N VAL E 28 6.02 31.87 9.98
CA VAL E 28 5.29 30.77 10.60
C VAL E 28 3.82 30.88 10.20
N THR E 29 3.33 29.90 9.45
CA THR E 29 1.97 29.93 8.95
C THR E 29 1.03 29.01 9.69
N GLY E 30 1.53 28.18 10.58
CA GLY E 30 0.69 27.28 11.34
C GLY E 30 1.52 26.45 12.28
N LEU E 31 0.84 25.54 12.97
CA LEU E 31 1.52 24.61 13.87
C LEU E 31 2.46 23.71 13.08
N ALA E 32 3.76 23.87 13.31
CA ALA E 32 4.79 23.02 12.69
C ALA E 32 4.86 23.18 11.18
N GLN E 33 4.44 24.33 10.65
CA GLN E 33 4.71 24.70 9.28
C GLN E 33 5.40 26.04 9.19
N VAL E 34 6.21 26.18 8.14
CA VAL E 34 6.78 27.46 7.73
C VAL E 34 6.72 27.52 6.21
N LEU E 35 6.28 28.67 5.69
CA LEU E 35 6.15 28.87 4.25
C LEU E 35 7.25 29.82 3.82
N LEU E 36 8.16 29.33 2.98
CA LEU E 36 9.32 30.07 2.53
C LEU E 36 8.98 30.83 1.25
N GLN E 37 9.51 32.04 1.12
CA GLN E 37 9.29 32.86 -0.06
C GLN E 37 10.58 33.55 -0.47
N TRP E 38 10.83 33.59 -1.77
CA TRP E 38 11.90 34.39 -2.34
C TRP E 38 11.35 35.09 -3.58
N LYS E 39 12.16 35.99 -4.14
CA LYS E 39 11.86 36.65 -5.40
C LYS E 39 13.14 36.75 -6.21
N PRO E 40 13.06 36.60 -7.53
CA PRO E 40 14.28 36.69 -8.36
C PRO E 40 14.91 38.07 -8.25
N ASN E 41 16.23 38.08 -8.37
CA ASN E 41 16.98 39.31 -8.15
C ASN E 41 16.69 40.28 -9.30
N PRO E 42 16.33 41.52 -9.02
CA PRO E 42 16.13 42.49 -10.11
C PRO E 42 17.36 42.72 -10.98
N ASP E 43 18.56 42.64 -10.40
CA ASP E 43 19.78 42.93 -11.14
C ASP E 43 20.28 41.76 -11.96
N GLN E 44 19.63 40.60 -11.88
CA GLN E 44 20.00 39.46 -12.71
C GLN E 44 19.76 39.76 -14.17
N GLU E 45 20.62 39.21 -15.03
CA GLU E 45 20.42 39.33 -16.46
C GLU E 45 19.17 38.57 -16.86
N GLN E 46 18.27 39.23 -17.59
CA GLN E 46 16.97 38.67 -17.92
C GLN E 46 17.02 38.00 -19.29
N ARG E 47 17.73 36.88 -19.33
CA ARG E 47 17.70 36.03 -20.51
C ARG E 47 16.54 35.05 -20.42
N ASN E 48 16.21 34.44 -21.55
CA ASN E 48 15.07 33.54 -21.65
C ASN E 48 15.36 32.23 -20.92
N VAL E 49 16.49 32.17 -20.19
CA VAL E 49 16.85 30.97 -19.47
C VAL E 49 15.81 30.66 -18.41
N ASN E 50 15.42 29.39 -18.34
CA ASN E 50 14.44 28.92 -17.35
C ASN E 50 15.18 28.71 -16.03
N LEU E 51 15.18 29.75 -15.20
CA LEU E 51 15.79 29.63 -13.88
C LEU E 51 14.94 28.75 -12.97
N GLU E 52 15.61 28.01 -12.11
CA GLU E 52 14.94 27.27 -11.06
C GLU E 52 15.62 27.55 -9.73
N TYR E 53 15.14 26.95 -8.64
CA TYR E 53 15.68 27.26 -7.32
C TYR E 53 15.94 25.99 -6.53
N GLN E 54 16.98 26.04 -5.71
CA GLN E 54 17.35 24.94 -4.81
C GLN E 54 17.23 25.43 -3.38
N VAL E 55 16.57 24.64 -2.54
CA VAL E 55 16.30 24.99 -1.16
C VAL E 55 16.96 23.98 -0.26
N LYS E 56 17.55 24.47 0.84
CA LYS E 56 18.21 23.60 1.82
C LYS E 56 17.65 23.88 3.20
N ILE E 57 17.09 22.85 3.83
CA ILE E 57 16.66 22.92 5.21
C ILE E 57 17.84 22.45 6.08
N ASN E 58 18.38 23.37 6.88
CA ASN E 58 19.57 23.03 7.66
C ASN E 58 19.20 22.39 9.00
N ALA E 59 18.21 22.94 9.69
CA ALA E 59 17.80 22.44 10.99
C ALA E 59 16.27 22.37 11.03
N PRO E 60 15.71 21.45 11.81
CA PRO E 60 16.37 20.40 12.60
C PRO E 60 16.59 19.12 11.82
N LYS E 61 15.69 18.80 10.88
CA LYS E 61 15.82 17.63 10.02
C LYS E 61 16.35 18.10 8.67
N GLU E 62 17.58 17.71 8.36
CA GLU E 62 18.23 18.17 7.13
C GLU E 62 17.52 17.61 5.90
N ASP E 63 17.25 18.48 4.95
CA ASP E 63 16.66 18.08 3.68
C ASP E 63 16.96 19.15 2.64
N ASP E 64 16.84 18.77 1.38
CA ASP E 64 17.02 19.72 0.29
C ASP E 64 16.22 19.26 -0.91
N TYR E 65 15.75 20.22 -1.70
CA TYR E 65 14.86 19.93 -2.80
C TYR E 65 15.01 21.01 -3.87
N GLU E 66 14.52 20.70 -5.07
CA GLU E 66 14.54 21.59 -6.21
C GLU E 66 13.14 22.12 -6.44
N THR E 67 13.01 23.42 -6.65
CA THR E 67 11.69 24.02 -6.79
C THR E 67 11.75 25.14 -7.82
N ARG E 68 10.79 25.13 -8.75
CA ARG E 68 10.71 26.14 -9.80
C ARG E 68 10.03 27.42 -9.34
N ILE E 69 8.95 27.30 -8.57
CA ILE E 69 8.21 28.47 -8.13
C ILE E 69 8.95 29.14 -6.97
N THR E 70 8.49 30.35 -6.62
CA THR E 70 9.16 31.17 -5.63
C THR E 70 8.67 30.93 -4.22
N GLU E 71 8.06 29.77 -3.95
CA GLU E 71 7.57 29.47 -2.61
C GLU E 71 7.51 27.97 -2.41
N SER E 72 7.66 27.54 -1.17
CA SER E 72 7.59 26.12 -0.83
C SER E 72 7.16 25.97 0.62
N LYS E 73 6.28 25.00 0.87
CA LYS E 73 5.81 24.69 2.21
C LYS E 73 6.52 23.45 2.72
N CYS E 74 7.14 23.55 3.89
CA CYS E 74 7.81 22.43 4.52
C CYS E 74 7.30 22.26 5.94
N VAL E 75 6.95 21.03 6.29
CA VAL E 75 6.53 20.69 7.65
C VAL E 75 7.77 20.37 8.47
N THR E 76 7.81 20.87 9.71
CA THR E 76 8.98 20.69 10.55
C THR E 76 8.64 21.08 11.98
N ILE E 77 9.38 20.53 12.92
CA ILE E 77 9.22 20.91 14.33
C ILE E 77 9.90 22.25 14.55
N LEU E 78 9.23 23.12 15.32
CA LEU E 78 9.70 24.49 15.49
C LEU E 78 10.17 24.79 16.91
N HIS E 79 10.22 23.81 17.81
CA HIS E 79 10.74 24.07 19.14
C HIS E 79 12.25 24.18 19.16
N LYS E 80 12.94 23.59 18.18
CA LYS E 80 14.40 23.65 18.09
C LYS E 80 14.89 24.75 17.17
N GLY E 81 13.99 25.54 16.60
CA GLY E 81 14.39 26.57 15.65
C GLY E 81 14.45 26.05 14.23
N PHE E 82 14.40 26.98 13.30
CA PHE E 82 14.40 26.66 11.88
C PHE E 82 15.49 27.47 11.16
N SER E 83 16.16 26.83 10.22
CA SER E 83 17.19 27.48 9.44
C SER E 83 17.14 26.92 8.02
N ALA E 84 16.92 27.79 7.04
CA ALA E 84 16.76 27.39 5.66
C ALA E 84 17.65 28.23 4.75
N SER E 85 18.12 27.62 3.67
CA SER E 85 18.97 28.27 2.71
C SER E 85 18.45 28.01 1.30
N VAL E 86 18.56 29.02 0.44
CA VAL E 86 18.07 28.94 -0.93
C VAL E 86 19.08 29.62 -1.84
N ARG E 87 19.16 29.13 -3.08
CA ARG E 87 20.08 29.68 -4.06
C ARG E 87 19.50 29.47 -5.45
N THR E 88 19.70 30.45 -6.32
CA THR E 88 19.22 30.35 -7.70
C THR E 88 20.11 29.39 -8.49
N ILE E 89 19.48 28.52 -9.27
CA ILE E 89 20.19 27.53 -10.05
C ILE E 89 19.75 27.61 -11.50
N LEU E 90 20.60 27.13 -12.40
CA LEU E 90 20.31 27.03 -13.81
C LEU E 90 20.82 25.69 -14.32
N GLN E 91 19.92 24.84 -14.79
CA GLN E 91 20.25 23.47 -15.16
C GLN E 91 20.66 23.43 -16.62
N ASN E 92 21.97 23.28 -16.85
CA ASN E 92 22.48 23.11 -18.20
C ASN E 92 22.59 21.63 -18.54
N ASP E 93 23.06 21.32 -19.74
CA ASP E 93 23.17 19.95 -20.20
C ASP E 93 24.38 19.21 -19.65
N HIS E 94 25.34 19.93 -19.05
CA HIS E 94 26.54 19.30 -18.51
C HIS E 94 26.85 19.65 -17.07
N SER E 95 26.45 20.81 -16.57
CA SER E 95 26.79 21.21 -15.20
C SER E 95 25.66 22.01 -14.61
N LEU E 96 25.55 21.97 -13.28
CA LEU E 96 24.52 22.69 -12.54
C LEU E 96 25.13 23.95 -11.96
N LEU E 97 24.87 25.08 -12.61
CA LEU E 97 25.34 26.37 -12.12
C LEU E 97 24.43 26.86 -11.00
N ALA E 98 25.04 27.36 -9.93
CA ALA E 98 24.30 27.83 -8.77
C ALA E 98 24.95 29.09 -8.23
N SER E 99 24.12 29.93 -7.61
CA SER E 99 24.59 31.21 -7.08
C SER E 99 25.02 31.03 -5.62
N SER E 100 25.43 32.13 -5.00
CA SER E 100 25.78 32.11 -3.60
C SER E 100 24.54 31.80 -2.76
N TRP E 101 24.74 31.02 -1.70
CA TRP E 101 23.61 30.62 -0.86
C TRP E 101 23.03 31.82 -0.14
N ALA E 102 21.69 31.87 -0.08
CA ALA E 102 20.96 32.87 0.68
C ALA E 102 20.19 32.14 1.77
N SER E 103 20.41 32.54 3.03
CA SER E 103 19.91 31.81 4.19
C SER E 103 19.12 32.72 5.11
N ALA E 104 18.13 32.14 5.76
CA ALA E 104 17.39 32.79 6.82
C ALA E 104 17.07 31.76 7.89
N GLU E 105 16.99 32.22 9.14
CA GLU E 105 16.78 31.32 10.27
C GLU E 105 15.67 31.82 11.17
N LEU E 106 14.96 30.90 11.78
CA LEU E 106 13.91 31.20 12.76
C LEU E 106 14.40 30.75 14.13
N HIS E 107 14.47 31.69 15.07
CA HIS E 107 15.05 31.43 16.37
C HIS E 107 14.21 30.43 17.16
N ALA E 108 14.82 29.89 18.21
CA ALA E 108 14.11 29.04 19.15
C ALA E 108 13.28 29.89 20.12
N PRO E 109 12.13 29.40 20.56
CA PRO E 109 11.30 30.18 21.46
C PRO E 109 11.97 30.38 22.80
N PRO E 110 11.67 31.45 23.51
CA PRO E 110 12.35 31.73 24.77
C PRO E 110 11.84 30.85 25.90
N GLY E 111 12.56 30.89 27.01
CA GLY E 111 12.21 30.14 28.21
C GLY E 111 13.42 29.46 28.82
N SER E 112 13.36 29.24 30.13
CA SER E 112 14.45 28.60 30.84
C SER E 112 14.59 27.14 30.38
N PRO E 113 15.81 26.62 30.35
CA PRO E 113 16.01 25.25 29.85
C PRO E 113 15.40 24.22 30.78
N GLY E 114 14.98 23.10 30.19
CA GLY E 114 14.44 22.00 30.94
C GLY E 114 13.00 22.16 31.37
N THR E 115 12.40 23.32 31.15
CA THR E 115 11.00 23.53 31.53
C THR E 115 10.03 22.89 30.54
N SER E 116 10.49 22.60 29.33
CA SER E 116 9.63 22.02 28.31
C SER E 116 9.16 20.63 28.72
N ILE E 117 8.05 20.20 28.11
CA ILE E 117 7.45 18.92 28.47
C ILE E 117 8.27 17.76 27.90
N VAL E 118 8.06 16.57 28.46
CA VAL E 118 8.81 15.37 28.10
C VAL E 118 7.87 14.16 28.00
N ASN E 119 8.25 13.15 27.21
CA ASN E 119 7.43 11.97 27.00
C ASN E 119 6.05 12.31 26.40
N LEU E 120 6.00 13.16 25.39
CA LEU E 120 4.69 13.50 24.80
C LEU E 120 4.27 12.34 23.90
N THR E 121 3.34 11.55 24.40
CA THR E 121 2.80 10.41 23.65
C THR E 121 1.34 10.69 23.33
N CYS E 122 0.99 10.64 22.04
CA CYS E 122 -0.37 10.88 21.60
C CYS E 122 -0.92 9.62 20.96
N THR E 123 -2.15 9.26 21.33
CA THR E 123 -2.82 8.10 20.80
C THR E 123 -4.14 8.51 20.18
N THR E 124 -4.48 7.89 19.05
CA THR E 124 -5.70 8.18 18.31
C THR E 124 -6.59 6.94 18.26
N ASN E 125 -7.84 7.11 18.66
CA ASN E 125 -8.87 6.08 18.55
C ASN E 125 -9.76 6.37 17.34
N THR E 126 -10.60 5.41 17.02
CA THR E 126 -11.62 5.56 15.99
C THR E 126 -12.96 5.10 16.55
N THR E 127 -13.99 5.94 16.40
CA THR E 127 -15.33 5.60 16.83
C THR E 127 -16.29 5.79 15.66
N GLU E 128 -17.35 5.00 15.65
CA GLU E 128 -18.33 5.03 14.56
C GLU E 128 -19.21 6.25 14.73
N ASP E 129 -19.07 7.22 13.83
CA ASP E 129 -19.91 8.41 13.83
C ASP E 129 -21.23 8.04 13.15
N ASN E 130 -22.24 7.73 13.95
CA ASN E 130 -23.54 7.30 13.43
C ASN E 130 -24.50 8.46 13.18
N TYR E 131 -24.06 9.69 13.39
CA TYR E 131 -24.90 10.86 13.18
C TYR E 131 -24.70 11.50 11.81
N SER E 132 -23.46 11.69 11.39
CA SER E 132 -23.18 12.34 10.13
C SER E 132 -23.33 11.36 8.99
N ARG E 133 -24.19 11.68 8.03
CA ARG E 133 -24.39 10.83 6.86
C ARG E 133 -23.19 10.84 5.92
N LEU E 134 -22.27 11.78 6.08
CA LEU E 134 -21.09 11.86 5.22
C LEU E 134 -19.91 11.12 5.83
N ARG E 135 -19.48 11.52 7.02
CA ARG E 135 -18.38 10.88 7.72
C ARG E 135 -18.95 9.84 8.67
N SER E 136 -18.63 8.57 8.43
CA SER E 136 -19.08 7.49 9.29
C SER E 136 -18.11 7.20 10.42
N TYR E 137 -16.87 7.67 10.33
CA TYR E 137 -15.84 7.37 11.32
C TYR E 137 -15.20 8.65 11.82
N GLN E 138 -14.88 8.66 13.11
CA GLN E 138 -14.40 9.84 13.80
C GLN E 138 -13.17 9.45 14.62
N VAL E 139 -12.20 10.36 14.67
CA VAL E 139 -10.91 10.09 15.32
C VAL E 139 -10.85 10.91 16.60
N SER E 140 -10.51 10.26 17.70
CA SER E 140 -10.32 10.91 18.98
C SER E 140 -8.87 10.79 19.41
N LEU E 141 -8.36 11.83 20.08
CA LEU E 141 -6.94 11.96 20.37
C LEU E 141 -6.73 12.03 21.87
N HIS E 142 -5.75 11.26 22.36
CA HIS E 142 -5.37 11.26 23.76
C HIS E 142 -3.86 11.47 23.85
N CYS E 143 -3.45 12.57 24.48
CA CYS E 143 -2.05 12.94 24.57
C CYS E 143 -1.65 13.05 26.04
N THR E 144 -0.55 12.39 26.40
CA THR E 144 -0.04 12.40 27.75
C THR E 144 1.40 12.89 27.76
N TRP E 145 1.77 13.59 28.82
CA TRP E 145 3.14 14.09 28.96
C TRP E 145 3.43 14.33 30.44
N LEU E 146 4.71 14.40 30.76
CA LEU E 146 5.17 14.64 32.11
C LEU E 146 5.70 16.06 32.23
N VAL E 147 5.51 16.67 33.40
CA VAL E 147 5.90 18.06 33.60
C VAL E 147 7.42 18.18 33.58
N GLY E 148 7.88 19.42 33.37
CA GLY E 148 9.31 19.66 33.28
C GLY E 148 10.00 19.58 34.62
N THR E 149 11.32 19.32 34.56
CA THR E 149 12.10 19.15 35.78
C THR E 149 12.17 20.45 36.58
N ASP E 150 12.42 21.56 35.90
CA ASP E 150 12.53 22.86 36.57
C ASP E 150 11.27 23.70 36.43
N ALA E 151 10.17 23.10 35.99
CA ALA E 151 8.94 23.86 35.81
C ALA E 151 8.42 24.36 37.16
N PRO E 152 7.86 25.55 37.21
CA PRO E 152 7.30 26.05 38.47
C PRO E 152 6.07 25.25 38.87
N GLU E 153 5.74 25.32 40.17
CA GLU E 153 4.62 24.56 40.70
C GLU E 153 3.29 25.00 40.12
N ASP E 154 3.21 26.20 39.53
CA ASP E 154 1.97 26.74 39.01
C ASP E 154 1.97 26.84 37.49
N THR E 155 2.67 25.95 36.81
CA THR E 155 2.73 25.97 35.37
C THR E 155 1.39 25.54 34.76
N GLN E 156 0.95 26.26 33.74
CA GLN E 156 -0.32 25.99 33.08
C GLN E 156 0.00 25.59 31.63
N TYR E 157 -0.02 24.30 31.35
CA TYR E 157 0.30 23.78 30.04
C TYR E 157 -0.96 23.69 29.18
N PHE E 158 -0.84 24.15 27.93
CA PHE E 158 -1.93 24.13 26.98
C PHE E 158 -1.49 23.38 25.73
N LEU E 159 -2.21 22.31 25.40
CA LEU E 159 -1.88 21.50 24.23
C LEU E 159 -2.72 21.93 23.04
N TYR E 160 -2.10 21.95 21.87
CA TYR E 160 -2.77 22.24 20.63
C TYR E 160 -2.44 21.14 19.62
N TYR E 161 -3.43 20.76 18.81
CA TYR E 161 -3.20 19.79 17.76
C TYR E 161 -3.65 20.39 16.43
N ARG E 162 -2.97 19.99 15.36
CA ARG E 162 -3.33 20.45 14.04
C ARG E 162 -3.19 19.31 13.04
N TYR E 163 -4.17 19.17 12.16
CA TYR E 163 -4.10 18.24 11.05
C TYR E 163 -4.62 18.94 9.80
N GLY E 164 -3.86 18.86 8.72
CA GLY E 164 -4.23 19.59 7.51
C GLY E 164 -4.24 21.08 7.77
N SER E 165 -5.35 21.72 7.44
CA SER E 165 -5.55 23.14 7.71
C SER E 165 -6.40 23.38 8.96
N TRP E 166 -6.70 22.34 9.72
CA TRP E 166 -7.52 22.44 10.92
C TRP E 166 -6.62 22.57 12.14
N THR E 167 -6.90 23.58 12.96
CA THR E 167 -6.16 23.84 14.20
C THR E 167 -7.15 23.97 15.35
N GLU E 168 -6.81 23.37 16.49
CA GLU E 168 -7.70 23.40 17.64
C GLU E 168 -6.88 23.42 18.92
N GLU E 169 -7.55 23.80 20.01
CA GLU E 169 -6.96 23.84 21.35
C GLU E 169 -7.75 22.93 22.27
N CYS E 170 -7.04 22.22 23.14
CA CYS E 170 -7.67 21.25 24.02
C CYS E 170 -8.53 21.95 25.09
N GLN E 171 -9.52 21.22 25.59
CA GLN E 171 -10.41 21.75 26.62
C GLN E 171 -10.54 20.78 27.79
N GLU E 172 -10.44 19.48 27.52
CA GLU E 172 -10.63 18.43 28.52
C GLU E 172 -9.25 17.91 28.92
N TYR E 173 -8.83 18.25 30.12
CA TYR E 173 -7.48 17.96 30.59
C TYR E 173 -7.51 17.02 31.79
N SER E 174 -6.33 16.59 32.20
CA SER E 174 -6.11 15.80 33.40
C SER E 174 -5.12 16.52 34.31
N LYS E 175 -5.36 16.47 35.62
CA LYS E 175 -4.64 17.30 36.56
C LYS E 175 -4.01 16.48 37.67
N ASP E 176 -2.85 16.93 38.13
CA ASP E 176 -2.19 16.39 39.31
C ASP E 176 -2.61 17.16 40.55
N THR E 177 -1.91 16.94 41.66
CA THR E 177 -2.28 17.57 42.93
C THR E 177 -1.99 19.07 42.96
N LEU E 178 -1.12 19.56 42.09
CA LEU E 178 -0.72 20.97 42.11
C LEU E 178 -1.54 21.85 41.17
N GLY E 179 -2.40 21.25 40.35
CA GLY E 179 -3.23 22.01 39.44
C GLY E 179 -2.69 22.16 38.04
N ARG E 180 -1.60 21.47 37.70
CA ARG E 180 -1.05 21.56 36.36
C ARG E 180 -1.63 20.47 35.48
N ASN E 181 -1.33 20.56 34.19
CA ASN E 181 -2.02 19.79 33.17
C ASN E 181 -1.11 18.67 32.68
N ILE E 182 -1.52 17.43 32.91
CA ILE E 182 -0.72 16.26 32.54
C ILE E 182 -1.11 15.71 31.17
N ALA E 183 -2.40 15.48 30.94
CA ALA E 183 -2.86 14.84 29.73
C ALA E 183 -4.09 15.55 29.20
N CYS E 184 -4.30 15.43 27.89
CA CYS E 184 -5.44 16.03 27.22
C CYS E 184 -6.19 14.95 26.46
N TRP E 185 -7.47 15.23 26.18
CA TRP E 185 -8.34 14.28 25.48
C TRP E 185 -9.25 15.05 24.54
N PHE E 186 -8.99 14.92 23.23
CA PHE E 186 -9.91 15.43 22.23
C PHE E 186 -10.92 14.34 21.90
N PRO E 187 -12.21 14.51 22.24
CA PRO E 187 -13.19 13.50 21.83
C PRO E 187 -13.65 13.63 20.40
N ARG E 188 -13.43 14.79 19.77
CA ARG E 188 -13.86 15.03 18.40
C ARG E 188 -12.76 15.80 17.68
N THR E 189 -12.07 15.15 16.75
CA THR E 189 -10.99 15.76 16.01
C THR E 189 -11.28 15.73 14.52
N PHE E 190 -10.72 16.69 13.80
CA PHE E 190 -10.80 16.72 12.35
C PHE E 190 -9.73 15.86 11.69
N ILE E 191 -9.14 14.93 12.44
CA ILE E 191 -8.14 14.02 11.89
C ILE E 191 -8.84 12.93 11.10
N LEU E 192 -8.49 12.82 9.81
CA LEU E 192 -9.09 11.81 8.96
C LEU E 192 -8.53 10.43 9.29
N SER E 193 -9.42 9.45 9.45
CA SER E 193 -8.97 8.11 9.82
C SER E 193 -8.13 7.48 8.72
N LYS E 194 -8.51 7.68 7.47
CA LYS E 194 -7.71 7.23 6.32
C LYS E 194 -6.73 8.29 5.84
N GLY E 195 -6.65 9.43 6.53
CA GLY E 195 -5.71 10.46 6.13
C GLY E 195 -4.27 10.01 6.29
N ARG E 196 -3.40 10.61 5.48
CA ARG E 196 -2.00 10.22 5.44
C ARG E 196 -1.08 11.43 5.51
N ASP E 197 -1.44 12.40 6.34
CA ASP E 197 -0.63 13.60 6.55
C ASP E 197 -0.13 13.64 7.99
N TRP E 198 0.85 14.51 8.23
CA TRP E 198 1.43 14.63 9.56
C TRP E 198 0.48 15.34 10.50
N LEU E 199 0.43 14.87 11.74
CA LEU E 199 -0.40 15.47 12.79
C LEU E 199 0.53 16.20 13.75
N ALA E 200 0.50 17.53 13.71
CA ALA E 200 1.36 18.35 14.54
C ALA E 200 0.71 18.61 15.89
N VAL E 201 1.48 18.39 16.96
CA VAL E 201 1.02 18.63 18.32
C VAL E 201 1.97 19.62 18.96
N LEU E 202 1.43 20.76 19.41
CA LEU E 202 2.22 21.79 20.06
C LEU E 202 1.75 21.95 21.50
N VAL E 203 2.70 21.94 22.43
CA VAL E 203 2.39 22.08 23.85
C VAL E 203 3.23 23.21 24.45
N ASN E 204 2.64 24.40 24.57
CA ASN E 204 3.34 25.49 25.24
C ASN E 204 2.52 25.88 26.47
N GLY E 205 2.98 26.88 27.22
CA GLY E 205 2.32 27.23 28.46
C GLY E 205 2.68 28.63 28.89
N SER E 206 2.40 28.91 30.16
CA SER E 206 2.65 30.24 30.72
C SER E 206 2.80 30.10 32.22
N SER E 207 3.39 31.13 32.83
CA SER E 207 3.57 31.16 34.27
C SER E 207 3.91 32.59 34.67
N LYS E 208 3.73 32.88 35.96
CA LYS E 208 4.05 34.20 36.50
C LYS E 208 5.46 34.30 37.04
N HIS E 209 6.24 33.22 37.00
CA HIS E 209 7.60 33.20 37.52
C HIS E 209 8.66 33.06 36.44
N SER E 210 8.45 32.18 35.47
CA SER E 210 9.42 31.97 34.40
C SER E 210 8.72 31.31 33.22
N ALA E 211 8.99 31.82 32.02
CA ALA E 211 8.33 31.30 30.83
C ALA E 211 8.79 29.89 30.54
N ILE E 212 7.97 29.16 29.78
CA ILE E 212 8.22 27.76 29.47
C ILE E 212 8.39 27.61 27.96
N ARG E 213 9.46 26.94 27.57
CA ARG E 213 9.71 26.66 26.16
C ARG E 213 8.70 25.64 25.64
N PRO E 214 8.17 25.83 24.44
CA PRO E 214 7.20 24.88 23.90
C PRO E 214 7.87 23.62 23.39
N PHE E 215 7.05 22.60 23.14
CA PHE E 215 7.51 21.35 22.58
C PHE E 215 6.50 20.91 21.53
N ASP E 216 6.91 20.91 20.26
CA ASP E 216 6.08 20.42 19.18
C ASP E 216 6.70 19.17 18.58
N GLN E 217 5.85 18.28 18.08
CA GLN E 217 6.33 17.00 17.56
C GLN E 217 5.37 16.54 16.46
N LEU E 218 5.94 16.17 15.32
CA LEU E 218 5.15 15.71 14.18
C LEU E 218 4.89 14.21 14.34
N PHE E 219 3.63 13.85 14.52
CA PHE E 219 3.24 12.46 14.69
C PHE E 219 2.68 11.92 13.39
N ALA E 220 3.29 10.85 12.88
CA ALA E 220 2.70 10.13 11.77
C ALA E 220 1.43 9.42 12.23
N LEU E 221 0.42 9.45 11.39
CA LEU E 221 -0.87 8.90 11.78
C LEU E 221 -0.78 7.40 12.03
N HIS E 222 0.00 6.69 11.21
CA HIS E 222 0.15 5.25 11.39
C HIS E 222 0.82 4.91 12.71
N ALA E 223 1.85 5.67 13.10
CA ALA E 223 2.61 5.34 14.29
C ALA E 223 1.81 5.53 15.58
N ILE E 224 0.77 6.36 15.55
CA ILE E 224 0.03 6.71 16.76
C ILE E 224 -1.40 6.23 16.73
N ASP E 225 -1.82 5.50 15.69
CA ASP E 225 -3.19 5.04 15.57
C ASP E 225 -3.32 3.68 16.23
N GLN E 226 -4.11 3.61 17.30
CA GLN E 226 -4.36 2.36 18.01
C GLN E 226 -5.60 1.72 17.41
N ILE E 227 -5.43 0.64 16.66
CA ILE E 227 -6.56 -0.09 16.12
C ILE E 227 -7.37 -0.68 17.27
N ASN E 228 -8.69 -0.56 17.17
CA ASN E 228 -9.56 -1.17 18.17
C ASN E 228 -9.56 -2.68 18.02
N PRO E 229 -9.87 -3.41 19.09
CA PRO E 229 -10.02 -4.85 18.97
C PRO E 229 -11.25 -5.19 18.14
N PRO E 230 -11.21 -6.29 17.40
CA PRO E 230 -12.43 -6.73 16.70
C PRO E 230 -13.46 -7.24 17.69
N LEU E 231 -14.72 -7.10 17.32
CA LEU E 231 -15.84 -7.48 18.18
C LEU E 231 -16.54 -8.73 17.62
N ASN E 232 -17.32 -9.36 18.49
CA ASN E 232 -18.13 -10.51 18.12
C ASN E 232 -17.30 -11.65 17.55
N VAL E 233 -16.40 -12.21 18.35
CA VAL E 233 -15.55 -13.31 17.91
C VAL E 233 -16.25 -14.60 18.35
N THR E 234 -17.02 -15.18 17.43
CA THR E 234 -17.74 -16.41 17.73
C THR E 234 -16.95 -17.64 17.28
N ALA E 235 -17.21 -18.75 17.95
CA ALA E 235 -16.50 -20.01 17.69
C ALA E 235 -17.39 -21.17 18.12
N GLU E 236 -17.48 -22.19 17.28
CA GLU E 236 -18.34 -23.33 17.54
C GLU E 236 -17.57 -24.65 17.39
N ILE E 237 -17.85 -25.59 18.30
CA ILE E 237 -17.42 -26.97 18.18
C ILE E 237 -18.35 -27.68 17.20
N GLU E 238 -17.78 -28.61 16.43
CA GLU E 238 -18.58 -29.50 15.60
C GLU E 238 -17.78 -30.79 15.48
N GLY E 239 -18.06 -31.75 16.36
CA GLY E 239 -17.24 -32.94 16.43
C GLY E 239 -15.81 -32.57 16.80
N THR E 240 -14.91 -32.62 15.83
CA THR E 240 -13.51 -32.28 16.06
C THR E 240 -13.08 -30.97 15.42
N ARG E 241 -14.00 -30.24 14.79
CA ARG E 241 -13.67 -29.06 14.00
C ARG E 241 -14.10 -27.78 14.72
N LEU E 242 -13.22 -26.79 14.73
CA LEU E 242 -13.52 -25.43 15.18
C LEU E 242 -13.59 -24.48 14.01
N SER E 243 -14.59 -23.60 14.03
CA SER E 243 -14.67 -22.48 13.11
C SER E 243 -14.80 -21.19 13.89
N ILE E 244 -13.90 -20.24 13.64
CA ILE E 244 -13.85 -18.98 14.36
C ILE E 244 -14.04 -17.86 13.36
N GLN E 245 -14.94 -16.93 13.67
CA GLN E 245 -15.19 -15.79 12.81
C GLN E 245 -15.49 -14.58 13.66
N TRP E 246 -15.24 -13.40 13.10
CA TRP E 246 -15.40 -12.16 13.83
C TRP E 246 -15.80 -11.07 12.84
N GLU E 247 -15.64 -9.82 13.24
CA GLU E 247 -15.92 -8.69 12.36
C GLU E 247 -14.72 -7.75 12.35
N LYS E 248 -14.62 -6.97 11.28
CA LYS E 248 -13.54 -6.02 11.14
C LYS E 248 -13.59 -5.01 12.29
N PRO E 249 -12.44 -4.51 12.73
CA PRO E 249 -12.47 -3.50 13.79
C PRO E 249 -12.82 -2.11 13.27
N VAL E 250 -13.39 -1.31 14.17
CA VAL E 250 -13.97 -0.04 13.74
C VAL E 250 -12.84 0.88 13.26
N SER E 251 -12.91 1.25 11.99
CA SER E 251 -11.91 2.05 11.31
C SER E 251 -12.42 2.35 9.92
N ALA E 252 -12.04 3.52 9.40
CA ALA E 252 -12.49 3.90 8.07
C ALA E 252 -11.85 3.06 6.97
N PHE E 253 -10.77 2.34 7.29
CA PHE E 253 -10.20 1.41 6.33
C PHE E 253 -11.15 0.24 6.08
N PRO E 254 -11.23 -0.26 4.87
CA PRO E 254 -12.23 -1.28 4.52
C PRO E 254 -11.84 -2.64 5.11
N ILE E 255 -12.64 -3.65 4.75
CA ILE E 255 -12.45 -5.00 5.27
C ILE E 255 -11.14 -5.61 4.81
N HIS E 256 -10.69 -5.30 3.59
CA HIS E 256 -9.54 -5.96 2.99
C HIS E 256 -8.20 -5.36 3.42
N CYS E 257 -8.19 -4.35 4.27
CA CYS E 257 -6.98 -3.66 4.68
C CYS E 257 -6.61 -3.95 6.13
N PHE E 258 -6.80 -5.19 6.58
CA PHE E 258 -6.52 -5.54 7.97
C PHE E 258 -5.89 -6.92 8.07
N ASP E 259 -4.83 -7.02 8.87
CA ASP E 259 -4.27 -8.30 9.26
C ASP E 259 -4.86 -8.75 10.59
N TYR E 260 -4.70 -10.04 10.87
CA TYR E 260 -5.25 -10.62 12.09
C TYR E 260 -4.37 -11.78 12.53
N GLU E 261 -4.47 -12.12 13.81
CA GLU E 261 -4.03 -13.41 14.33
C GLU E 261 -5.06 -13.94 15.31
N VAL E 262 -5.06 -15.25 15.50
CA VAL E 262 -5.94 -15.94 16.43
C VAL E 262 -5.08 -16.68 17.43
N LYS E 263 -5.38 -16.48 18.71
CA LYS E 263 -4.68 -17.16 19.80
C LYS E 263 -5.61 -18.20 20.41
N ILE E 264 -5.27 -19.46 20.24
CA ILE E 264 -6.05 -20.57 20.79
C ILE E 264 -5.20 -21.26 21.84
N HIS E 265 -5.69 -21.30 23.07
CA HIS E 265 -4.98 -21.91 24.19
C HIS E 265 -5.83 -23.02 24.78
N ASN E 266 -5.20 -24.15 25.08
CA ASN E 266 -5.87 -25.28 25.71
C ASN E 266 -5.64 -25.21 27.21
N THR E 267 -6.72 -25.14 27.98
CA THR E 267 -6.63 -25.00 29.42
C THR E 267 -6.21 -26.28 30.13
N ARG E 268 -6.11 -27.40 29.41
CA ARG E 268 -5.78 -28.68 30.01
C ARG E 268 -4.30 -29.02 29.91
N ASN E 269 -3.73 -29.02 28.70
CA ASN E 269 -2.34 -29.36 28.50
C ASN E 269 -1.44 -28.15 28.33
N GLY E 270 -1.96 -27.05 27.83
CA GLY E 270 -1.17 -25.85 27.60
C GLY E 270 -0.74 -25.60 26.18
N TYR E 271 -1.30 -26.33 25.21
CA TYR E 271 -0.93 -26.10 23.81
C TYR E 271 -1.45 -24.74 23.35
N LEU E 272 -0.61 -24.00 22.64
CA LEU E 272 -0.91 -22.65 22.20
C LEU E 272 -0.58 -22.53 20.72
N GLN E 273 -1.53 -21.98 19.96
CA GLN E 273 -1.36 -21.78 18.52
C GLN E 273 -1.61 -20.33 18.17
N ILE E 274 -0.70 -19.74 17.41
CA ILE E 274 -0.83 -18.38 16.90
C ILE E 274 -0.81 -18.45 15.39
N GLU E 275 -1.86 -17.96 14.75
CA GLU E 275 -2.01 -18.06 13.31
C GLU E 275 -2.38 -16.70 12.72
N LYS E 276 -1.43 -16.08 12.03
CA LYS E 276 -1.68 -14.83 11.34
C LYS E 276 -2.37 -15.09 10.00
N LEU E 277 -3.34 -14.25 9.68
CA LEU E 277 -4.13 -14.44 8.46
C LEU E 277 -4.67 -13.10 8.00
N MET E 278 -5.05 -13.05 6.72
CA MET E 278 -5.62 -11.86 6.12
C MET E 278 -7.14 -11.90 5.99
N THR E 279 -7.75 -13.07 6.12
CA THR E 279 -9.19 -13.22 5.99
C THR E 279 -9.86 -12.78 7.29
N ASN E 280 -11.16 -13.07 7.43
CA ASN E 280 -11.90 -12.74 8.63
C ASN E 280 -12.35 -13.96 9.41
N ALA E 281 -12.04 -15.17 8.95
CA ALA E 281 -12.42 -16.36 9.67
C ALA E 281 -11.25 -17.34 9.64
N PHE E 282 -11.18 -18.18 10.68
CA PHE E 282 -10.14 -19.19 10.77
C PHE E 282 -10.78 -20.50 11.22
N ILE E 283 -10.28 -21.60 10.66
CA ILE E 283 -10.82 -22.93 10.92
C ILE E 283 -9.68 -23.80 11.40
N SER E 284 -9.91 -24.53 12.50
CA SER E 284 -8.89 -25.37 13.11
C SER E 284 -9.50 -26.65 13.66
N ILE E 285 -8.66 -27.66 13.83
CA ILE E 285 -9.04 -28.93 14.41
C ILE E 285 -8.38 -29.05 15.77
N ILE E 286 -9.17 -29.39 16.79
CA ILE E 286 -8.68 -29.55 18.15
C ILE E 286 -9.33 -30.78 18.77
N ASP E 287 -8.97 -31.04 20.01
CA ASP E 287 -9.48 -32.20 20.72
C ASP E 287 -10.98 -32.06 20.98
N ASP E 288 -11.65 -33.20 21.11
CA ASP E 288 -13.04 -33.24 21.49
C ASP E 288 -13.24 -33.46 22.99
N LEU E 289 -12.17 -33.40 23.79
CA LEU E 289 -12.25 -33.59 25.22
C LEU E 289 -11.44 -32.53 25.98
N SER E 290 -11.35 -31.32 25.43
CA SER E 290 -10.56 -30.26 26.04
C SER E 290 -11.29 -28.92 25.89
N LYS E 291 -11.01 -28.02 26.82
CA LYS E 291 -11.57 -26.67 26.80
C LYS E 291 -10.57 -25.70 26.19
N TYR E 292 -11.07 -24.76 25.41
CA TYR E 292 -10.22 -23.83 24.68
C TYR E 292 -10.73 -22.40 24.84
N ASP E 293 -9.81 -21.45 24.75
CA ASP E 293 -10.14 -20.03 24.69
C ASP E 293 -9.55 -19.43 23.43
N VAL E 294 -10.27 -18.48 22.84
CA VAL E 294 -9.92 -17.89 21.56
C VAL E 294 -9.88 -16.37 21.72
N GLN E 295 -8.81 -15.76 21.23
CA GLN E 295 -8.68 -14.31 21.17
C GLN E 295 -8.09 -13.93 19.83
N VAL E 296 -8.41 -12.73 19.37
CA VAL E 296 -7.90 -12.22 18.10
C VAL E 296 -7.39 -10.80 18.29
N ARG E 297 -6.49 -10.39 17.40
CA ARG E 297 -6.05 -9.01 17.30
C ARG E 297 -6.08 -8.60 15.85
N ALA E 298 -5.88 -7.31 15.60
CA ALA E 298 -5.99 -6.77 14.26
C ALA E 298 -5.04 -5.59 14.11
N ALA E 299 -4.78 -5.22 12.86
CA ALA E 299 -3.98 -4.05 12.56
C ALA E 299 -4.16 -3.71 11.10
N VAL E 300 -3.88 -2.45 10.77
CA VAL E 300 -3.90 -2.02 9.39
C VAL E 300 -2.71 -2.62 8.68
N SER E 301 -2.97 -3.28 7.55
CA SER E 301 -1.91 -3.96 6.83
C SER E 301 -0.86 -2.96 6.35
N SER E 302 0.40 -3.42 6.32
CA SER E 302 1.45 -2.61 5.71
C SER E 302 1.19 -2.37 4.24
N MET E 303 0.28 -3.16 3.65
CA MET E 303 -0.04 -3.01 2.24
C MET E 303 -0.78 -1.69 1.99
N CYS E 304 -1.72 -1.35 2.86
CA CYS E 304 -2.56 -0.16 2.68
C CYS E 304 -1.94 1.07 3.33
N ARG E 305 -1.41 0.94 4.54
CA ARG E 305 -0.79 2.03 5.26
C ARG E 305 0.45 1.49 5.97
N GLU E 306 1.45 2.36 6.14
CA GLU E 306 2.67 1.99 6.86
C GLU E 306 2.31 1.36 8.19
N ALA E 307 3.09 0.36 8.59
CA ALA E 307 2.75 -0.44 9.76
C ALA E 307 2.64 0.41 11.01
N GLY E 308 1.59 0.17 11.79
CA GLY E 308 1.34 0.88 13.01
C GLY E 308 1.17 -0.05 14.20
N LEU E 309 0.80 0.56 15.32
CA LEU E 309 0.61 -0.20 16.55
C LEU E 309 -0.51 -1.21 16.37
N TRP E 310 -0.40 -2.34 17.04
CA TRP E 310 -1.35 -3.42 16.83
C TRP E 310 -2.49 -3.29 17.83
N SER E 311 -3.64 -3.85 17.46
CA SER E 311 -4.79 -3.81 18.35
C SER E 311 -4.58 -4.71 19.55
N GLU E 312 -5.22 -4.36 20.65
CA GLU E 312 -5.14 -5.15 21.88
C GLU E 312 -5.94 -6.44 21.71
N TRP E 313 -5.66 -7.39 22.60
CA TRP E 313 -6.35 -8.68 22.58
C TRP E 313 -7.85 -8.50 22.75
N SER E 314 -8.61 -9.29 22.00
CA SER E 314 -10.05 -9.31 22.18
C SER E 314 -10.41 -10.07 23.45
N GLN E 315 -11.67 -9.94 23.85
CA GLN E 315 -12.12 -10.62 25.06
C GLN E 315 -12.08 -12.13 24.84
N PRO E 316 -11.69 -12.89 25.86
CA PRO E 316 -11.66 -14.36 25.71
C PRO E 316 -13.04 -14.93 25.42
N ILE E 317 -13.06 -15.97 24.59
CA ILE E 317 -14.26 -16.75 24.32
C ILE E 317 -13.95 -18.19 24.63
N TYR E 318 -14.75 -18.81 25.49
CA TYR E 318 -14.49 -20.14 26.01
C TYR E 318 -15.37 -21.14 25.30
N VAL E 319 -14.74 -22.12 24.64
CA VAL E 319 -15.43 -23.12 23.84
C VAL E 319 -15.01 -24.50 24.31
N GLY E 320 -15.87 -25.49 24.05
CA GLY E 320 -15.60 -26.84 24.45
C GLY E 320 -15.94 -27.08 25.91
N ASN E 321 -15.74 -28.33 26.32
CA ASN E 321 -15.98 -28.75 27.70
C ASN E 321 -14.77 -29.55 28.20
N ASP E 322 -14.55 -29.49 29.51
CA ASP E 322 -13.44 -30.21 30.13
C ASP E 322 -13.93 -31.46 30.82
#